data_6VG0
#
_entry.id   6VG0
#
_cell.length_a   196.770
_cell.length_b   89.160
_cell.length_c   90.750
_cell.angle_alpha   90.000
_cell.angle_beta   90.000
_cell.angle_gamma   90.000
#
_symmetry.space_group_name_H-M   'P 21 21 2'
#
loop_
_entity.id
_entity.type
_entity.pdbx_description
1 polymer 'Isocitrate dehydrogenase [NADP] cytoplasmic'
2 non-polymer 'NADPH DIHYDRO-NICOTINAMIDE-ADENINE-DINUCLEOTIDE PHOSPHATE'
3 non-polymer N~2~,N~4~-bis[(1R)-1-cyclopropylethyl]-6-[6-(trifluoromethyl)pyridin-2-yl]-1,3,5-triazine-2,4-diamine
4 water water
#
_entity_poly.entity_id   1
_entity_poly.type   'polypeptide(L)'
_entity_poly.pdbx_seq_one_letter_code
;MSKKISGGSVVEMQGDEMTRIIWELIKEKLIFPYVELDLHSYDLGIENRDATNDQVTKDAAEAIKKHNVGVKCATITPDE
KRVEEFKLKQMWKSPNGTIRNILGGTVFREAIICKNIPRLVSGWVKPIIIGHHAYGDQYRATDFVVPGPGKVEITYTPSD
GTQKVTYLVHNFEEGGGVAMGMYNQDKSIEDFAHSSFQMALSKGWPLYLSTKNTILKKYDGRFKDIFQEIYDKQYKSQFE
AQKIWYEHRLIDDMVAQAMKSEGGFIWACKNYDGDVQSDSVAQGYGSLGMMTSVLVCPDGKTVEAEAAHGTVTRHYRMYQ
KGQETSTNPIASIFAWTRGLAHRAKLDNNKELAFFANALEEVSIETIEAGFMTKDLAACIKGLPNVQRSDYLNTFEFMDK
LGENLKIKLAQAKLSLEHHHHHHHH
;
_entity_poly.pdbx_strand_id   A,B,C
#
# COMPACT_ATOMS: atom_id res chain seq x y z
N SER A 2 -4.37 -33.30 -24.58
CA SER A 2 -3.33 -34.26 -24.94
C SER A 2 -3.13 -35.28 -23.82
N LYS A 3 -1.95 -35.89 -23.79
CA LYS A 3 -1.66 -36.91 -22.79
C LYS A 3 -1.47 -36.28 -21.42
N LYS A 4 -1.73 -37.07 -20.38
CA LYS A 4 -1.51 -36.61 -19.02
C LYS A 4 -0.01 -36.56 -18.70
N ILE A 5 0.36 -35.58 -17.89
CA ILE A 5 1.75 -35.45 -17.45
C ILE A 5 2.00 -36.43 -16.32
N SER A 6 3.06 -37.22 -16.44
CA SER A 6 3.44 -38.12 -15.35
C SER A 6 3.98 -37.30 -14.18
N GLY A 7 3.31 -37.39 -13.04
CA GLY A 7 3.70 -36.59 -11.89
C GLY A 7 4.74 -37.25 -11.02
N GLY A 8 4.45 -38.42 -10.50
CA GLY A 8 5.37 -39.12 -9.63
C GLY A 8 4.78 -39.42 -8.26
N SER A 9 5.65 -39.65 -7.28
CA SER A 9 5.18 -39.96 -5.92
C SER A 9 4.89 -38.66 -5.18
N VAL A 10 3.65 -38.51 -4.71
CA VAL A 10 3.22 -37.34 -3.96
C VAL A 10 2.38 -37.82 -2.78
N VAL A 11 2.71 -37.35 -1.59
CA VAL A 11 1.96 -37.70 -0.38
C VAL A 11 0.86 -36.67 -0.20
N GLU A 12 -0.39 -37.11 -0.35
CA GLU A 12 -1.55 -36.25 -0.17
C GLU A 12 -2.18 -36.50 1.19
N MET A 13 -2.60 -35.43 1.85
CA MET A 13 -3.24 -35.49 3.16
C MET A 13 -4.53 -34.68 3.12
N GLN A 14 -5.66 -35.37 3.20
CA GLN A 14 -6.94 -34.72 3.19
C GLN A 14 -7.23 -34.07 4.54
N GLY A 15 -8.07 -33.03 4.51
CA GLY A 15 -8.30 -32.22 5.69
C GLY A 15 -9.75 -32.16 6.12
N ASP A 16 -10.15 -31.05 6.73
CA ASP A 16 -11.47 -30.91 7.35
C ASP A 16 -12.23 -29.75 6.74
N GLU A 17 -13.56 -29.91 6.65
CA GLU A 17 -14.49 -28.82 6.37
C GLU A 17 -14.29 -28.09 5.06
N MET A 18 -14.29 -26.77 5.15
CA MET A 18 -14.37 -25.96 3.93
C MET A 18 -13.15 -26.18 3.06
N THR A 19 -11.96 -26.21 3.67
CA THR A 19 -10.76 -26.48 2.89
C THR A 19 -10.77 -27.87 2.31
N ARG A 20 -11.46 -28.82 2.94
CA ARG A 20 -11.59 -30.17 2.39
C ARG A 20 -12.48 -30.18 1.16
N ILE A 21 -13.59 -29.45 1.19
CA ILE A 21 -14.44 -29.32 0.01
C ILE A 21 -13.66 -28.69 -1.14
N ILE A 22 -12.94 -27.61 -0.84
CA ILE A 22 -12.13 -26.95 -1.85
C ILE A 22 -11.01 -27.88 -2.35
N TRP A 23 -10.47 -28.71 -1.47
CA TRP A 23 -9.43 -29.66 -1.84
C TRP A 23 -9.96 -30.66 -2.86
N GLU A 24 -11.15 -31.19 -2.61
CA GLU A 24 -11.76 -32.10 -3.58
C GLU A 24 -12.04 -31.40 -4.90
N LEU A 25 -12.51 -30.15 -4.85
CA LEU A 25 -12.72 -29.40 -6.09
C LEU A 25 -11.41 -29.22 -6.86
N ILE A 26 -10.34 -28.89 -6.16
CA ILE A 26 -9.03 -28.68 -6.81
C ILE A 26 -8.59 -29.97 -7.48
N LYS A 27 -8.67 -31.09 -6.76
CA LYS A 27 -8.24 -32.36 -7.34
C LYS A 27 -9.08 -32.74 -8.55
N GLU A 28 -10.39 -32.51 -8.48
CA GLU A 28 -11.27 -32.94 -9.57
C GLU A 28 -11.13 -32.07 -10.80
N LYS A 29 -10.88 -30.76 -10.62
CA LYS A 29 -10.99 -29.82 -11.74
C LYS A 29 -9.66 -29.27 -12.23
N LEU A 30 -8.59 -29.33 -11.44
CA LEU A 30 -7.34 -28.67 -11.80
C LEU A 30 -6.14 -29.60 -11.90
N ILE A 31 -6.14 -30.74 -11.20
CA ILE A 31 -4.98 -31.63 -11.14
C ILE A 31 -5.21 -32.90 -11.94
N PHE A 32 -6.23 -33.69 -11.57
CA PHE A 32 -6.43 -34.99 -12.20
C PHE A 32 -6.73 -34.93 -13.70
N PRO A 33 -7.47 -33.95 -14.23
CA PRO A 33 -7.67 -33.91 -15.69
C PRO A 33 -6.39 -33.80 -16.50
N TYR A 34 -5.29 -33.35 -15.90
CA TYR A 34 -4.05 -33.10 -16.64
C TYR A 34 -2.81 -33.78 -16.08
N VAL A 35 -2.87 -34.38 -14.90
CA VAL A 35 -1.69 -34.98 -14.27
C VAL A 35 -2.05 -36.37 -13.77
N GLU A 36 -1.24 -37.36 -14.14
CA GLU A 36 -1.35 -38.73 -13.65
C GLU A 36 -0.38 -38.89 -12.49
N LEU A 37 -0.90 -39.01 -11.27
CA LEU A 37 -0.09 -39.01 -10.07
C LEU A 37 -0.07 -40.39 -9.42
N ASP A 38 1.03 -40.68 -8.74
CA ASP A 38 1.16 -41.87 -7.89
C ASP A 38 0.90 -41.42 -6.45
N LEU A 39 -0.38 -41.26 -6.13
CA LEU A 39 -0.78 -40.66 -4.86
C LEU A 39 -0.66 -41.65 -3.71
N HIS A 40 -0.20 -41.15 -2.57
CA HIS A 40 -0.18 -41.88 -1.31
C HIS A 40 -1.04 -41.07 -0.35
N SER A 41 -2.34 -41.34 -0.36
CA SER A 41 -3.31 -40.53 0.36
C SER A 41 -3.44 -40.97 1.81
N TYR A 42 -3.58 -39.99 2.70
CA TYR A 42 -3.78 -40.24 4.12
C TYR A 42 -4.84 -39.27 4.62
N ASP A 43 -6.02 -39.78 4.93
CA ASP A 43 -7.12 -38.95 5.43
C ASP A 43 -6.78 -38.44 6.81
N LEU A 44 -6.30 -37.19 6.88
CA LEU A 44 -5.98 -36.55 8.15
C LEU A 44 -7.16 -35.77 8.72
N GLY A 45 -8.38 -36.07 8.28
CA GLY A 45 -9.54 -35.48 8.90
C GLY A 45 -9.66 -35.87 10.37
N ILE A 46 -10.38 -35.03 11.12
CA ILE A 46 -10.51 -35.29 12.55
C ILE A 46 -11.23 -36.62 12.80
N GLU A 47 -12.13 -36.99 11.89
CA GLU A 47 -12.86 -38.25 12.03
C GLU A 47 -11.91 -39.44 11.99
N ASN A 48 -11.13 -39.55 10.91
CA ASN A 48 -10.16 -40.63 10.77
C ASN A 48 -8.95 -40.47 11.68
N ARG A 49 -8.60 -39.25 12.08
CA ARG A 49 -7.54 -39.08 13.07
C ARG A 49 -7.98 -39.56 14.44
N ASP A 50 -9.28 -39.55 14.72
CA ASP A 50 -9.76 -40.07 15.99
C ASP A 50 -9.85 -41.59 15.97
N ALA A 51 -10.38 -42.16 14.88
CA ALA A 51 -10.60 -43.59 14.81
C ALA A 51 -9.29 -44.39 14.82
N THR A 52 -8.18 -43.78 14.43
CA THR A 52 -6.89 -44.43 14.42
C THR A 52 -5.99 -43.98 15.56
N ASN A 53 -6.54 -43.20 16.51
CA ASN A 53 -5.77 -42.62 17.61
C ASN A 53 -4.56 -41.86 17.08
N ASP A 54 -4.78 -41.09 16.01
CA ASP A 54 -3.79 -40.17 15.44
C ASP A 54 -2.56 -40.93 14.91
N GLN A 55 -2.76 -42.18 14.49
CA GLN A 55 -1.66 -42.90 13.85
C GLN A 55 -1.50 -42.53 12.39
N VAL A 56 -2.60 -42.14 11.73
CA VAL A 56 -2.55 -41.77 10.32
C VAL A 56 -1.65 -40.54 10.12
N THR A 57 -1.57 -39.67 11.13
CA THR A 57 -0.71 -38.49 11.03
C THR A 57 0.76 -38.91 10.97
N LYS A 58 1.18 -39.79 11.88
CA LYS A 58 2.55 -40.28 11.86
C LYS A 58 2.83 -41.07 10.58
N ASP A 59 1.85 -41.84 10.11
CA ASP A 59 2.03 -42.58 8.86
C ASP A 59 2.25 -41.63 7.69
N ALA A 60 1.47 -40.55 7.62
CA ALA A 60 1.65 -39.58 6.55
C ALA A 60 2.99 -38.86 6.66
N ALA A 61 3.43 -38.56 7.89
CA ALA A 61 4.72 -37.92 8.07
C ALA A 61 5.86 -38.83 7.60
N GLU A 62 5.79 -40.11 7.94
CA GLU A 62 6.81 -41.05 7.48
C GLU A 62 6.74 -41.23 5.97
N ALA A 63 5.54 -41.19 5.39
CA ALA A 63 5.41 -41.25 3.93
C ALA A 63 6.07 -40.04 3.28
N ILE A 64 5.95 -38.86 3.90
CA ILE A 64 6.64 -37.68 3.40
C ILE A 64 8.14 -37.85 3.51
N LYS A 65 8.61 -38.40 4.64
CA LYS A 65 10.04 -38.69 4.78
C LYS A 65 10.53 -39.62 3.68
N LYS A 66 9.68 -40.56 3.26
CA LYS A 66 10.08 -41.51 2.23
C LYS A 66 10.05 -40.88 0.83
N HIS A 67 9.00 -40.12 0.52
CA HIS A 67 8.74 -39.66 -0.85
C HIS A 67 9.10 -38.19 -1.09
N ASN A 68 9.57 -37.47 -0.07
CA ASN A 68 10.21 -36.17 -0.23
C ASN A 68 9.27 -35.02 -0.60
N VAL A 69 7.99 -35.28 -0.85
CA VAL A 69 7.07 -34.20 -1.22
C VAL A 69 5.68 -34.55 -0.72
N GLY A 70 5.10 -33.65 0.06
CA GLY A 70 3.75 -33.81 0.54
C GLY A 70 2.96 -32.54 0.37
N VAL A 71 1.66 -32.70 0.08
CA VAL A 71 0.72 -31.59 0.00
C VAL A 71 -0.39 -31.85 1.01
N LYS A 72 -0.72 -30.83 1.80
CA LYS A 72 -1.59 -31.02 2.95
C LYS A 72 -2.77 -30.06 2.90
N CYS A 73 -3.94 -30.58 3.25
CA CYS A 73 -5.14 -29.77 3.40
C CYS A 73 -5.28 -29.30 4.85
N ALA A 74 -5.91 -28.13 5.03
CA ALA A 74 -6.06 -27.57 6.37
C ALA A 74 -6.83 -28.52 7.26
N THR A 75 -6.26 -28.83 8.42
CA THR A 75 -6.82 -29.80 9.35
C THR A 75 -7.25 -29.12 10.64
N ILE A 76 -8.28 -29.69 11.27
CA ILE A 76 -8.77 -29.18 12.54
C ILE A 76 -7.79 -29.54 13.64
N THR A 77 -7.36 -28.53 14.40
CA THR A 77 -6.57 -28.76 15.60
C THR A 77 -7.51 -28.81 16.81
N PRO A 78 -7.55 -29.91 17.56
CA PRO A 78 -8.54 -30.05 18.62
C PRO A 78 -8.27 -29.10 19.79
N ASP A 79 -9.36 -28.66 20.41
CA ASP A 79 -9.29 -27.89 21.65
C ASP A 79 -10.42 -28.39 22.56
N GLU A 80 -10.76 -27.59 23.58
CA GLU A 80 -11.80 -27.99 24.52
C GLU A 80 -13.15 -28.16 23.84
N LYS A 81 -13.55 -27.15 23.04
CA LYS A 81 -14.88 -27.18 22.44
C LYS A 81 -14.99 -28.26 21.36
N ARG A 82 -13.90 -28.52 20.63
CA ARG A 82 -13.97 -29.47 19.53
C ARG A 82 -13.92 -30.91 19.99
N VAL A 83 -13.37 -31.18 21.18
CA VAL A 83 -13.47 -32.53 21.75
C VAL A 83 -14.94 -32.86 22.04
N GLU A 84 -15.69 -31.87 22.53
CA GLU A 84 -17.12 -32.09 22.74
C GLU A 84 -17.90 -32.07 21.43
N GLU A 85 -17.41 -31.34 20.43
CA GLU A 85 -18.12 -31.25 19.16
C GLU A 85 -18.19 -32.62 18.47
N PHE A 86 -17.04 -33.20 18.14
CA PHE A 86 -16.97 -34.46 17.43
C PHE A 86 -16.87 -35.67 18.35
N LYS A 87 -16.97 -35.48 19.67
CA LYS A 87 -16.91 -36.56 20.65
C LYS A 87 -15.62 -37.37 20.49
N LEU A 88 -14.50 -36.70 20.73
CA LEU A 88 -13.19 -37.30 20.58
C LEU A 88 -12.78 -38.05 21.85
N LYS A 89 -11.80 -38.95 21.69
CA LYS A 89 -11.26 -39.68 22.83
C LYS A 89 -10.29 -38.81 23.62
N GLN A 90 -9.14 -38.50 23.02
CA GLN A 90 -8.19 -37.56 23.57
C GLN A 90 -8.29 -36.23 22.85
N MET A 91 -7.52 -35.25 23.33
CA MET A 91 -7.37 -33.97 22.62
C MET A 91 -6.06 -34.05 21.84
N TRP A 92 -6.16 -34.65 20.65
CA TRP A 92 -4.98 -34.95 19.86
C TRP A 92 -4.20 -33.68 19.54
N LYS A 93 -2.88 -33.83 19.42
CA LYS A 93 -2.02 -32.70 19.12
C LYS A 93 -2.26 -32.21 17.69
N SER A 94 -1.76 -31.01 17.41
CA SER A 94 -1.86 -30.43 16.08
C SER A 94 -1.14 -31.32 15.07
N PRO A 95 -1.81 -31.78 14.01
CA PRO A 95 -1.12 -32.59 13.00
C PRO A 95 0.05 -31.88 12.38
N ASN A 96 -0.06 -30.56 12.19
CA ASN A 96 1.07 -29.79 11.68
C ASN A 96 2.29 -29.91 12.60
N GLY A 97 2.05 -29.86 13.92
CA GLY A 97 3.17 -29.98 14.85
C GLY A 97 3.80 -31.36 14.83
N THR A 98 2.98 -32.41 14.73
CA THR A 98 3.51 -33.77 14.65
C THR A 98 4.36 -33.94 13.39
N ILE A 99 3.85 -33.49 12.25
CA ILE A 99 4.60 -33.59 10.99
C ILE A 99 5.87 -32.76 11.07
N ARG A 100 5.80 -31.60 11.72
N ARG A 100 5.80 -31.60 11.72
CA ARG A 100 6.98 -30.73 11.84
CA ARG A 100 6.98 -30.73 11.84
C ARG A 100 8.06 -31.38 12.69
C ARG A 100 8.06 -31.38 12.68
N ASN A 101 7.67 -32.03 13.78
CA ASN A 101 8.64 -32.68 14.64
C ASN A 101 9.23 -33.92 13.97
N ILE A 102 8.40 -34.71 13.29
CA ILE A 102 8.91 -35.91 12.62
C ILE A 102 9.84 -35.54 11.47
N LEU A 103 9.50 -34.48 10.72
CA LEU A 103 10.31 -34.07 9.58
C LEU A 103 11.52 -33.24 10.02
N GLY A 104 11.34 -32.39 11.03
CA GLY A 104 12.44 -31.57 11.52
C GLY A 104 12.79 -30.40 10.62
N GLY A 105 11.81 -29.80 9.97
CA GLY A 105 12.03 -28.69 9.08
C GLY A 105 11.58 -27.36 9.65
N THR A 106 11.62 -26.34 8.79
CA THR A 106 11.23 -24.98 9.14
C THR A 106 10.15 -24.51 8.17
N VAL A 107 9.16 -23.80 8.71
CA VAL A 107 8.01 -23.33 7.93
C VAL A 107 8.28 -21.93 7.40
N PHE A 108 7.96 -21.72 6.13
CA PHE A 108 8.12 -20.45 5.45
C PHE A 108 6.76 -20.03 4.87
N ARG A 109 6.34 -18.82 5.20
N ARG A 109 6.33 -18.82 5.22
CA ARG A 109 5.06 -18.28 4.76
CA ARG A 109 5.08 -18.25 4.77
C ARG A 109 5.29 -17.19 3.72
C ARG A 109 5.34 -17.21 3.69
N GLU A 110 4.53 -17.25 2.62
CA GLU A 110 4.67 -16.35 1.50
C GLU A 110 3.29 -15.94 0.98
N ALA A 111 3.13 -14.65 0.69
CA ALA A 111 1.89 -14.11 0.16
C ALA A 111 1.92 -14.07 -1.36
N ILE A 112 0.82 -14.46 -1.98
CA ILE A 112 0.69 -14.45 -3.43
C ILE A 112 0.16 -13.08 -3.85
N ILE A 113 0.91 -12.42 -4.74
CA ILE A 113 0.66 -11.03 -5.10
C ILE A 113 -0.15 -10.97 -6.39
N CYS A 114 -1.21 -10.17 -6.38
CA CYS A 114 -1.96 -9.83 -7.58
C CYS A 114 -1.95 -8.31 -7.73
N LYS A 115 -1.68 -7.83 -8.94
CA LYS A 115 -1.40 -6.41 -9.14
C LYS A 115 -2.60 -5.53 -8.83
N ASN A 116 -3.81 -6.07 -8.94
CA ASN A 116 -5.03 -5.30 -8.70
C ASN A 116 -5.53 -5.41 -7.27
N ILE A 117 -4.84 -6.13 -6.40
CA ILE A 117 -5.26 -6.31 -5.01
C ILE A 117 -4.42 -5.35 -4.15
N PRO A 118 -4.99 -4.28 -3.62
CA PRO A 118 -4.19 -3.33 -2.83
C PRO A 118 -3.67 -3.97 -1.55
N ARG A 119 -2.59 -3.38 -1.04
CA ARG A 119 -1.94 -3.84 0.18
C ARG A 119 -1.92 -2.71 1.21
N LEU A 120 -2.01 -3.09 2.48
CA LEU A 120 -2.01 -2.09 3.55
C LEU A 120 -0.68 -1.37 3.61
N VAL A 121 0.41 -2.07 3.36
CA VAL A 121 1.72 -1.45 3.15
C VAL A 121 1.87 -1.25 1.65
N SER A 122 1.89 0.01 1.21
CA SER A 122 1.71 0.31 -0.20
C SER A 122 2.93 -0.10 -1.03
N GLY A 123 4.13 0.11 -0.49
CA GLY A 123 5.35 -0.12 -1.24
C GLY A 123 5.64 -1.58 -1.58
N TRP A 124 4.91 -2.52 -0.97
CA TRP A 124 5.21 -3.93 -1.16
C TRP A 124 4.83 -4.38 -2.58
N VAL A 125 5.83 -4.82 -3.34
CA VAL A 125 5.62 -5.26 -4.72
C VAL A 125 6.02 -6.73 -4.85
N LYS A 126 7.04 -7.13 -4.10
CA LYS A 126 7.54 -8.50 -4.07
C LYS A 126 7.24 -9.14 -2.72
N PRO A 127 7.14 -10.47 -2.66
CA PRO A 127 6.77 -11.11 -1.39
C PRO A 127 7.90 -11.07 -0.38
N ILE A 128 7.51 -11.05 0.90
CA ILE A 128 8.44 -11.13 2.02
C ILE A 128 8.22 -12.49 2.66
N ILE A 129 9.10 -13.45 2.35
CA ILE A 129 8.91 -14.83 2.79
C ILE A 129 9.48 -14.97 4.19
N ILE A 130 8.61 -15.29 5.15
CA ILE A 130 9.01 -15.32 6.56
C ILE A 130 9.20 -16.77 7.00
N GLY A 131 10.42 -17.10 7.41
CA GLY A 131 10.72 -18.40 7.96
C GLY A 131 10.74 -18.34 9.48
N HIS A 132 10.10 -19.32 10.10
CA HIS A 132 9.77 -19.26 11.52
C HIS A 132 10.38 -20.45 12.26
N HIS A 133 11.31 -20.18 13.16
CA HIS A 133 11.93 -21.21 14.00
C HIS A 133 10.96 -21.55 15.13
N ALA A 134 10.26 -22.67 14.98
CA ALA A 134 9.19 -23.02 15.91
C ALA A 134 9.68 -24.03 16.96
N TYR A 135 10.69 -23.62 17.72
CA TYR A 135 11.17 -24.45 18.82
C TYR A 135 11.77 -23.56 19.91
N GLY A 136 11.47 -23.91 21.16
CA GLY A 136 12.13 -23.31 22.30
C GLY A 136 11.68 -21.88 22.59
N ASP A 137 12.53 -21.17 23.32
CA ASP A 137 12.32 -19.78 23.74
C ASP A 137 11.03 -19.72 24.56
N GLN A 138 10.24 -18.65 24.43
CA GLN A 138 9.03 -18.47 25.23
C GLN A 138 8.08 -19.67 25.15
N TYR A 139 8.15 -20.44 24.07
CA TYR A 139 7.21 -21.53 23.82
C TYR A 139 7.63 -22.84 24.47
N ARG A 140 8.80 -22.89 25.10
CA ARG A 140 9.17 -24.00 25.96
C ARG A 140 9.67 -23.52 27.32
N ALA A 141 9.27 -22.32 27.71
CA ALA A 141 9.81 -21.65 28.89
C ALA A 141 9.21 -22.22 30.16
N THR A 142 9.83 -21.85 31.27
CA THR A 142 9.36 -22.19 32.62
C THR A 142 9.17 -20.87 33.36
N ASP A 143 7.91 -20.44 33.47
CA ASP A 143 7.57 -19.17 34.09
C ASP A 143 6.75 -19.40 35.34
N PHE A 144 6.90 -18.51 36.32
CA PHE A 144 6.17 -18.62 37.56
C PHE A 144 6.04 -17.23 38.21
N VAL A 145 5.09 -17.13 39.12
CA VAL A 145 4.85 -15.91 39.87
C VAL A 145 5.69 -15.96 41.15
N VAL A 146 6.45 -14.89 41.39
CA VAL A 146 7.23 -14.73 42.61
C VAL A 146 6.32 -14.10 43.66
N PRO A 147 5.85 -14.85 44.66
CA PRO A 147 4.80 -14.33 45.55
C PRO A 147 5.28 -13.36 46.61
N GLY A 148 6.57 -13.37 46.94
CA GLY A 148 7.07 -12.51 47.98
C GLY A 148 8.57 -12.32 47.91
N PRO A 149 9.15 -11.61 48.88
CA PRO A 149 10.59 -11.39 48.89
C PRO A 149 11.36 -12.71 48.89
N GLY A 150 12.38 -12.77 48.05
CA GLY A 150 13.16 -14.00 47.94
C GLY A 150 14.24 -13.84 46.90
N LYS A 151 14.84 -14.97 46.55
CA LYS A 151 15.96 -15.01 45.62
C LYS A 151 15.58 -15.89 44.43
N VAL A 152 15.76 -15.37 43.22
CA VAL A 152 15.54 -16.12 42.00
C VAL A 152 16.88 -16.28 41.30
N GLU A 153 17.33 -17.53 41.17
CA GLU A 153 18.57 -17.88 40.51
C GLU A 153 18.29 -18.91 39.42
N ILE A 154 19.10 -18.86 38.36
CA ILE A 154 19.11 -19.88 37.33
C ILE A 154 20.51 -20.50 37.29
N THR A 155 20.55 -21.83 37.21
CA THR A 155 21.80 -22.56 37.36
C THR A 155 22.02 -23.51 36.21
N TYR A 156 23.29 -23.76 35.90
CA TYR A 156 23.70 -24.78 34.94
C TYR A 156 24.59 -25.78 35.64
N THR A 157 24.24 -27.05 35.55
CA THR A 157 25.01 -28.13 36.16
C THR A 157 25.42 -29.12 35.08
N PRO A 158 26.70 -29.18 34.69
CA PRO A 158 27.15 -30.19 33.73
C PRO A 158 26.78 -31.60 34.17
N SER A 159 26.71 -32.52 33.21
CA SER A 159 26.16 -33.85 33.49
C SER A 159 26.98 -34.61 34.53
N ASP A 160 28.28 -34.36 34.61
CA ASP A 160 29.11 -35.09 35.56
C ASP A 160 29.01 -34.54 36.98
N GLY A 161 28.22 -33.49 37.19
CA GLY A 161 27.92 -32.99 38.52
C GLY A 161 28.86 -31.93 39.04
N THR A 162 29.96 -31.64 38.35
CA THR A 162 30.97 -30.73 38.85
C THR A 162 30.82 -29.34 38.24
N GLN A 163 31.29 -28.35 38.99
CA GLN A 163 31.44 -26.98 38.49
C GLN A 163 30.11 -26.39 38.02
N LYS A 164 29.12 -26.43 38.91
CA LYS A 164 27.85 -25.76 38.65
C LYS A 164 28.07 -24.25 38.56
N VAL A 165 27.35 -23.61 37.63
CA VAL A 165 27.38 -22.16 37.46
C VAL A 165 26.03 -21.61 37.89
N THR A 166 26.05 -20.64 38.81
CA THR A 166 24.83 -20.05 39.35
C THR A 166 24.73 -18.61 38.87
N TYR A 167 23.66 -18.30 38.15
CA TYR A 167 23.38 -16.96 37.65
C TYR A 167 22.25 -16.36 38.47
N LEU A 168 22.56 -15.35 39.27
CA LEU A 168 21.54 -14.67 40.07
C LEU A 168 20.63 -13.87 39.15
N VAL A 169 19.37 -14.28 39.03
CA VAL A 169 18.42 -13.53 38.22
C VAL A 169 18.02 -12.24 38.95
N HIS A 170 17.45 -12.38 40.15
CA HIS A 170 17.04 -11.19 40.90
C HIS A 170 16.88 -11.53 42.37
N ASN A 171 16.90 -10.48 43.19
CA ASN A 171 16.66 -10.57 44.63
C ASN A 171 15.48 -9.65 44.95
N PHE A 172 14.28 -10.23 45.04
CA PHE A 172 13.11 -9.46 45.41
C PHE A 172 13.16 -9.10 46.89
N GLU A 173 13.27 -7.81 47.19
CA GLU A 173 13.10 -7.33 48.56
C GLU A 173 11.92 -6.37 48.68
N GLU A 174 11.14 -6.22 47.60
CA GLU A 174 9.96 -5.35 47.59
C GLU A 174 8.82 -6.14 46.93
N GLY A 175 7.93 -6.67 47.77
CA GLY A 175 6.79 -7.41 47.23
C GLY A 175 7.23 -8.61 46.42
N GLY A 176 6.57 -8.80 45.28
CA GLY A 176 6.89 -9.91 44.40
C GLY A 176 6.93 -9.51 42.93
N GLY A 177 6.67 -10.48 42.05
CA GLY A 177 6.69 -10.23 40.63
C GLY A 177 6.56 -11.51 39.83
N VAL A 178 7.34 -11.64 38.76
CA VAL A 178 7.35 -12.84 37.94
C VAL A 178 8.78 -13.17 37.55
N ALA A 179 9.01 -14.45 37.25
CA ALA A 179 10.30 -14.89 36.77
C ALA A 179 10.09 -16.01 35.76
N MET A 180 11.09 -16.22 34.92
CA MET A 180 11.03 -17.32 33.96
C MET A 180 12.43 -17.64 33.46
N GLY A 181 12.60 -18.88 33.06
CA GLY A 181 13.81 -19.30 32.36
C GLY A 181 13.45 -20.00 31.08
N MET A 182 14.23 -19.74 30.04
CA MET A 182 14.01 -20.36 28.74
C MET A 182 15.36 -20.74 28.13
N TYR A 183 15.29 -21.55 27.08
CA TYR A 183 16.49 -22.17 26.52
C TYR A 183 16.32 -22.33 25.01
N ASN A 184 17.38 -22.77 24.36
CA ASN A 184 17.32 -23.22 22.98
C ASN A 184 18.50 -24.15 22.71
N GLN A 185 18.39 -24.92 21.63
CA GLN A 185 19.33 -25.98 21.30
C GLN A 185 20.18 -25.61 20.08
N ASP A 186 21.46 -25.99 20.12
CA ASP A 186 22.34 -25.76 18.98
C ASP A 186 21.86 -26.52 17.75
N LYS A 187 21.40 -27.76 17.94
CA LYS A 187 20.95 -28.56 16.80
C LYS A 187 19.73 -27.95 16.12
N SER A 188 18.78 -27.45 16.92
CA SER A 188 17.60 -26.83 16.35
C SER A 188 17.96 -25.56 15.58
N ILE A 189 18.86 -24.75 16.13
CA ILE A 189 19.29 -23.52 15.46
C ILE A 189 20.02 -23.87 14.16
N GLU A 190 20.80 -24.95 14.17
CA GLU A 190 21.51 -25.35 12.96
C GLU A 190 20.55 -25.83 11.88
N ASP A 191 19.55 -26.64 12.26
CA ASP A 191 18.52 -27.04 11.30
C ASP A 191 17.78 -25.82 10.74
N PHE A 192 17.46 -24.87 11.61
CA PHE A 192 16.78 -23.65 11.19
C PHE A 192 17.61 -22.88 10.18
N ALA A 193 18.91 -22.72 10.46
CA ALA A 193 19.78 -21.99 9.55
C ALA A 193 19.91 -22.70 8.22
N HIS A 194 20.09 -24.03 8.24
CA HIS A 194 20.22 -24.78 6.99
C HIS A 194 18.96 -24.65 6.15
N SER A 195 17.79 -24.78 6.78
CA SER A 195 16.54 -24.63 6.04
C SER A 195 16.41 -23.23 5.45
N SER A 196 16.80 -22.20 6.21
CA SER A 196 16.69 -20.84 5.71
C SER A 196 17.63 -20.60 4.52
N PHE A 197 18.87 -21.09 4.61
CA PHE A 197 19.80 -20.94 3.50
C PHE A 197 19.32 -21.67 2.26
N GLN A 198 18.81 -22.90 2.42
CA GLN A 198 18.32 -23.65 1.28
C GLN A 198 17.10 -22.99 0.66
N MET A 199 16.21 -22.44 1.50
CA MET A 199 15.04 -21.73 0.98
C MET A 199 15.47 -20.49 0.19
N ALA A 200 16.46 -19.75 0.70
CA ALA A 200 16.95 -18.59 -0.02
C ALA A 200 17.56 -18.97 -1.36
N LEU A 201 18.36 -20.04 -1.38
CA LEU A 201 18.95 -20.48 -2.63
C LEU A 201 17.90 -20.96 -3.63
N SER A 202 16.85 -21.62 -3.13
CA SER A 202 15.78 -22.08 -4.02
C SER A 202 15.01 -20.92 -4.61
N LYS A 203 14.55 -19.99 -3.77
CA LYS A 203 13.81 -18.83 -4.26
C LYS A 203 14.70 -17.80 -4.93
N GLY A 204 16.02 -17.92 -4.82
CA GLY A 204 16.92 -16.94 -5.39
C GLY A 204 16.70 -15.56 -4.84
N TRP A 205 16.82 -15.42 -3.52
CA TRP A 205 16.56 -14.16 -2.84
C TRP A 205 17.49 -14.04 -1.64
N PRO A 206 17.82 -12.82 -1.23
CA PRO A 206 18.68 -12.66 -0.05
C PRO A 206 17.99 -13.11 1.23
N LEU A 207 18.82 -13.44 2.22
CA LEU A 207 18.34 -13.95 3.50
C LEU A 207 18.77 -13.01 4.62
N TYR A 208 17.85 -12.74 5.54
CA TYR A 208 18.11 -11.90 6.70
C TYR A 208 17.71 -12.65 7.97
N LEU A 209 18.54 -12.54 8.99
CA LEU A 209 18.24 -13.07 10.32
C LEU A 209 18.17 -11.91 11.29
N SER A 210 17.10 -11.87 12.08
CA SER A 210 16.88 -10.82 13.06
C SER A 210 17.04 -11.38 14.47
N THR A 211 17.85 -10.71 15.29
CA THR A 211 17.98 -11.03 16.70
C THR A 211 18.00 -9.73 17.50
N LYS A 212 18.19 -9.88 18.81
CA LYS A 212 18.37 -8.73 19.69
C LYS A 212 19.69 -8.89 20.44
N ASN A 213 20.76 -9.22 19.69
CA ASN A 213 22.02 -9.58 20.33
C ASN A 213 22.72 -8.38 20.96
N THR A 214 22.24 -7.16 20.76
CA THR A 214 22.79 -6.03 21.48
C THR A 214 22.45 -6.09 22.96
N ILE A 215 21.34 -6.75 23.31
CA ILE A 215 20.91 -6.87 24.69
C ILE A 215 21.23 -8.28 25.18
N LEU A 216 20.72 -9.29 24.47
CA LEU A 216 21.01 -10.68 24.78
C LEU A 216 22.26 -11.09 24.00
N LYS A 217 23.43 -10.76 24.56
CA LYS A 217 24.67 -10.96 23.84
C LYS A 217 25.07 -12.42 23.76
N LYS A 218 24.75 -13.21 24.79
CA LYS A 218 25.07 -14.63 24.75
C LYS A 218 23.99 -15.42 24.01
N TYR A 219 22.73 -15.16 24.34
CA TYR A 219 21.60 -15.91 23.81
C TYR A 219 21.44 -15.75 22.31
N ASP A 220 21.12 -14.53 21.86
CA ASP A 220 20.94 -14.28 20.43
C ASP A 220 22.26 -14.27 19.69
N GLY A 221 23.36 -13.94 20.39
CA GLY A 221 24.67 -14.05 19.78
C GLY A 221 24.95 -15.45 19.28
N ARG A 222 24.38 -16.47 19.93
CA ARG A 222 24.57 -17.84 19.48
C ARG A 222 23.88 -18.07 18.13
N PHE A 223 22.65 -17.58 17.99
CA PHE A 223 21.97 -17.64 16.70
C PHE A 223 22.81 -16.98 15.61
N LYS A 224 23.29 -15.75 15.90
CA LYS A 224 24.12 -15.03 14.94
C LYS A 224 25.35 -15.85 14.57
N ASP A 225 26.05 -16.39 15.57
CA ASP A 225 27.28 -17.14 15.32
C ASP A 225 27.03 -18.39 14.50
N ILE A 226 25.97 -19.13 14.83
CA ILE A 226 25.69 -20.38 14.12
C ILE A 226 25.33 -20.09 12.67
N PHE A 227 24.44 -19.11 12.45
CA PHE A 227 24.11 -18.73 11.09
C PHE A 227 25.36 -18.34 10.31
N GLN A 228 26.24 -17.53 10.91
CA GLN A 228 27.42 -17.05 10.21
C GLN A 228 28.40 -18.17 9.91
N GLU A 229 28.60 -19.08 10.87
CA GLU A 229 29.48 -20.23 10.64
C GLU A 229 28.99 -21.06 9.48
N ILE A 230 27.71 -21.47 9.52
CA ILE A 230 27.16 -22.31 8.47
C ILE A 230 27.21 -21.61 7.13
N TYR A 231 26.96 -20.29 7.12
CA TYR A 231 26.99 -19.53 5.87
C TYR A 231 28.39 -19.50 5.28
N ASP A 232 29.38 -19.06 6.06
CA ASP A 232 30.75 -18.96 5.57
C ASP A 232 31.35 -20.32 5.22
N LYS A 233 30.86 -21.41 5.82
CA LYS A 233 31.46 -22.71 5.57
C LYS A 233 30.75 -23.53 4.50
N GLN A 234 29.48 -23.26 4.21
CA GLN A 234 28.72 -24.13 3.31
C GLN A 234 27.89 -23.41 2.25
N TYR A 235 27.62 -22.12 2.35
CA TYR A 235 26.70 -21.45 1.44
C TYR A 235 27.18 -20.15 0.84
N LYS A 236 28.31 -19.59 1.31
CA LYS A 236 28.71 -18.25 0.87
C LYS A 236 28.94 -18.20 -0.64
N SER A 237 29.66 -19.19 -1.18
CA SER A 237 29.96 -19.18 -2.61
C SER A 237 28.70 -19.39 -3.44
N GLN A 238 27.77 -20.24 -2.97
CA GLN A 238 26.52 -20.44 -3.70
C GLN A 238 25.66 -19.19 -3.69
N PHE A 239 25.69 -18.42 -2.59
CA PHE A 239 24.97 -17.15 -2.56
C PHE A 239 25.60 -16.13 -3.51
N GLU A 240 26.93 -16.01 -3.48
CA GLU A 240 27.59 -15.02 -4.33
C GLU A 240 27.49 -15.39 -5.81
N ALA A 241 27.38 -16.67 -6.11
CA ALA A 241 27.18 -17.07 -7.51
C ALA A 241 25.84 -16.56 -8.04
N GLN A 242 24.77 -16.75 -7.27
CA GLN A 242 23.45 -16.26 -7.63
C GLN A 242 23.23 -14.80 -7.27
N LYS A 243 24.30 -14.09 -6.88
CA LYS A 243 24.26 -12.66 -6.60
C LYS A 243 23.25 -12.32 -5.52
N ILE A 244 23.11 -13.22 -4.54
CA ILE A 244 22.34 -12.92 -3.34
C ILE A 244 23.30 -12.82 -2.18
N TRP A 245 22.77 -12.68 -0.97
CA TRP A 245 23.61 -12.46 0.20
C TRP A 245 22.83 -12.82 1.46
N TYR A 246 23.57 -12.94 2.56
CA TYR A 246 22.99 -13.11 3.89
C TYR A 246 23.56 -12.07 4.84
N GLU A 247 22.69 -11.48 5.64
CA GLU A 247 23.09 -10.51 6.65
C GLU A 247 22.31 -10.72 7.92
N HIS A 248 22.97 -10.53 9.05
CA HIS A 248 22.28 -10.42 10.33
C HIS A 248 21.79 -8.99 10.52
N ARG A 249 20.61 -8.85 11.11
CA ARG A 249 20.02 -7.54 11.33
C ARG A 249 19.45 -7.47 12.75
N LEU A 250 19.45 -6.27 13.31
CA LEU A 250 18.74 -6.04 14.55
C LEU A 250 17.25 -6.00 14.29
N ILE A 251 16.48 -6.61 15.20
CA ILE A 251 15.04 -6.78 14.97
C ILE A 251 14.36 -5.44 14.76
N ASP A 252 14.83 -4.39 15.45
CA ASP A 252 14.35 -3.04 15.20
C ASP A 252 14.54 -2.65 13.74
N ASP A 253 15.80 -2.60 13.31
CA ASP A 253 16.13 -2.32 11.92
C ASP A 253 15.39 -3.26 10.97
N MET A 254 15.20 -4.51 11.37
CA MET A 254 14.59 -5.47 10.46
C MET A 254 13.13 -5.11 10.18
N VAL A 255 12.35 -4.87 11.24
CA VAL A 255 10.95 -4.55 10.99
C VAL A 255 10.82 -3.18 10.34
N ALA A 256 11.74 -2.25 10.64
CA ALA A 256 11.68 -0.94 10.00
C ALA A 256 11.93 -1.05 8.49
N GLN A 257 13.02 -1.71 8.10
CA GLN A 257 13.34 -1.83 6.68
C GLN A 257 12.33 -2.70 5.94
N ALA A 258 11.78 -3.73 6.58
CA ALA A 258 10.68 -4.46 5.97
C ALA A 258 9.45 -3.57 5.80
N MET A 259 9.26 -2.62 6.72
CA MET A 259 8.17 -1.67 6.56
C MET A 259 8.35 -0.79 5.34
N LYS A 260 9.58 -0.32 5.10
CA LYS A 260 9.79 0.63 4.02
C LYS A 260 10.46 0.03 2.78
N SER A 261 10.57 -1.29 2.68
CA SER A 261 11.13 -1.88 1.48
C SER A 261 10.01 -2.29 0.51
N GLU A 262 10.43 -2.76 -0.66
CA GLU A 262 9.52 -3.24 -1.68
C GLU A 262 9.36 -4.75 -1.64
N GLY A 263 9.97 -5.41 -0.67
CA GLY A 263 9.86 -6.85 -0.53
C GLY A 263 10.93 -7.60 -1.30
N GLY A 264 10.71 -8.89 -1.42
CA GLY A 264 11.62 -9.75 -2.17
C GLY A 264 12.81 -10.25 -1.37
N PHE A 265 12.54 -10.87 -0.22
CA PHE A 265 13.62 -11.46 0.57
C PHE A 265 13.04 -12.48 1.54
N ILE A 266 13.92 -13.36 2.00
CA ILE A 266 13.62 -14.30 3.08
C ILE A 266 14.00 -13.64 4.40
N TRP A 267 13.15 -13.80 5.41
CA TRP A 267 13.33 -13.22 6.72
C TRP A 267 13.23 -14.33 7.75
N ALA A 268 14.37 -14.72 8.31
CA ALA A 268 14.44 -15.79 9.29
C ALA A 268 14.25 -15.19 10.69
N CYS A 269 13.20 -15.63 11.38
CA CYS A 269 12.83 -15.06 12.66
C CYS A 269 12.92 -16.10 13.76
N LYS A 270 13.26 -15.65 14.97
CA LYS A 270 13.12 -16.47 16.15
C LYS A 270 11.63 -16.76 16.39
N ASN A 271 11.36 -17.68 17.31
CA ASN A 271 10.01 -18.18 17.54
C ASN A 271 9.04 -17.02 17.76
N TYR A 272 9.30 -16.21 18.79
CA TYR A 272 8.40 -15.13 19.16
C TYR A 272 8.23 -14.13 18.01
N ASP A 273 9.32 -13.77 17.33
CA ASP A 273 9.25 -12.76 16.29
C ASP A 273 8.40 -13.21 15.11
N GLY A 274 8.67 -14.40 14.57
CA GLY A 274 7.90 -14.88 13.43
C GLY A 274 6.45 -15.17 13.77
N ASP A 275 6.21 -15.67 14.99
CA ASP A 275 4.84 -15.89 15.44
C ASP A 275 4.08 -14.57 15.57
N VAL A 276 4.75 -13.54 16.07
CA VAL A 276 4.12 -12.22 16.16
C VAL A 276 3.85 -11.66 14.77
N GLN A 277 4.76 -11.90 13.83
N GLN A 277 4.75 -11.91 13.83
CA GLN A 277 4.58 -11.49 12.44
CA GLN A 277 4.53 -11.45 12.46
C GLN A 277 3.35 -12.14 11.84
C GLN A 277 3.31 -12.15 11.85
N SER A 278 3.52 -13.39 11.38
CA SER A 278 2.51 -14.16 10.62
C SER A 278 1.19 -13.47 10.30
N ASP A 279 0.37 -13.27 11.34
CA ASP A 279 -0.92 -12.59 11.18
C ASP A 279 -0.75 -11.20 10.58
N SER A 280 0.27 -10.47 11.02
CA SER A 280 0.42 -9.08 10.60
C SER A 280 0.83 -8.98 9.14
N VAL A 281 1.76 -9.83 8.70
CA VAL A 281 2.14 -9.85 7.29
C VAL A 281 0.95 -10.29 6.43
N ALA A 282 0.19 -11.28 6.92
CA ALA A 282 -1.02 -11.69 6.21
C ALA A 282 -1.97 -10.53 6.03
N GLN A 283 -2.16 -9.73 7.08
CA GLN A 283 -3.02 -8.55 6.98
C GLN A 283 -2.45 -7.55 5.98
N GLY A 284 -1.14 -7.29 6.07
CA GLY A 284 -0.53 -6.27 5.23
C GLY A 284 -0.58 -6.60 3.76
N TYR A 285 -0.54 -7.89 3.40
CA TYR A 285 -0.61 -8.25 1.99
C TYR A 285 -2.03 -8.37 1.47
N GLY A 286 -3.02 -8.53 2.35
CA GLY A 286 -4.40 -8.57 1.90
C GLY A 286 -5.26 -9.57 2.64
N SER A 287 -5.41 -10.77 2.07
CA SER A 287 -6.28 -11.79 2.61
C SER A 287 -5.46 -13.00 3.06
N LEU A 288 -6.01 -13.72 4.04
CA LEU A 288 -5.36 -14.96 4.47
C LEU A 288 -5.43 -16.02 3.39
N GLY A 289 -6.41 -15.92 2.48
CA GLY A 289 -6.60 -16.91 1.45
C GLY A 289 -5.52 -16.82 0.39
N MET A 290 -4.60 -15.87 0.56
CA MET A 290 -3.49 -15.67 -0.37
C MET A 290 -2.15 -16.04 0.25
N MET A 291 -2.14 -16.68 1.41
CA MET A 291 -0.91 -16.95 2.15
C MET A 291 -0.65 -18.45 2.14
N THR A 292 0.48 -18.85 1.57
CA THR A 292 0.89 -20.25 1.52
C THR A 292 2.03 -20.50 2.49
N SER A 293 2.16 -21.76 2.92
CA SER A 293 3.24 -22.18 3.80
C SER A 293 3.93 -23.40 3.21
N VAL A 294 5.24 -23.44 3.38
CA VAL A 294 6.07 -24.53 2.88
C VAL A 294 7.04 -24.93 3.99
N LEU A 295 7.00 -26.19 4.39
CA LEU A 295 7.93 -26.74 5.36
C LEU A 295 9.11 -27.34 4.61
N VAL A 296 10.30 -26.76 4.81
CA VAL A 296 11.52 -27.17 4.14
C VAL A 296 12.45 -27.80 5.16
N CYS A 297 13.04 -28.93 4.81
CA CYS A 297 13.93 -29.64 5.70
C CYS A 297 15.37 -29.17 5.51
N PRO A 298 16.23 -29.36 6.52
CA PRO A 298 17.62 -28.91 6.39
C PRO A 298 18.38 -29.53 5.23
N ASP A 299 17.98 -30.73 4.80
CA ASP A 299 18.62 -31.35 3.65
C ASP A 299 18.24 -30.67 2.34
N GLY A 300 17.10 -29.98 2.30
CA GLY A 300 16.63 -29.38 1.08
C GLY A 300 16.02 -30.36 0.09
N LYS A 301 15.72 -31.58 0.53
CA LYS A 301 15.14 -32.61 -0.34
C LYS A 301 13.63 -32.77 -0.13
N THR A 302 13.18 -32.84 1.13
CA THR A 302 11.79 -33.09 1.44
C THR A 302 11.07 -31.78 1.72
N VAL A 303 9.89 -31.61 1.11
CA VAL A 303 9.10 -30.39 1.22
C VAL A 303 7.65 -30.77 1.51
N GLU A 304 7.02 -30.03 2.41
CA GLU A 304 5.61 -30.24 2.75
C GLU A 304 4.86 -28.92 2.62
N ALA A 305 4.01 -28.82 1.62
CA ALA A 305 3.33 -27.57 1.28
C ALA A 305 1.87 -27.61 1.72
N GLU A 306 1.38 -26.48 2.23
CA GLU A 306 -0.02 -26.37 2.61
C GLU A 306 -0.43 -24.90 2.59
N ALA A 307 -1.71 -24.66 2.84
CA ALA A 307 -2.22 -23.32 3.02
C ALA A 307 -1.87 -22.83 4.43
N ALA A 308 -1.67 -21.52 4.55
CA ALA A 308 -1.34 -20.95 5.85
C ALA A 308 -2.56 -20.63 6.70
N HIS A 309 -3.74 -20.61 6.10
CA HIS A 309 -4.97 -20.37 6.84
C HIS A 309 -5.51 -21.69 7.39
N GLY A 310 -6.58 -21.60 8.17
CA GLY A 310 -7.23 -22.76 8.74
C GLY A 310 -8.28 -23.35 7.82
N THR A 311 -9.19 -24.10 8.43
CA THR A 311 -10.24 -24.77 7.68
C THR A 311 -11.42 -23.86 7.33
N VAL A 312 -11.35 -22.58 7.72
CA VAL A 312 -12.39 -21.60 7.43
C VAL A 312 -13.72 -22.09 7.97
N THR A 313 -13.86 -22.09 9.30
CA THR A 313 -15.01 -22.73 9.94
C THR A 313 -16.31 -21.95 9.69
N ARG A 314 -16.25 -20.62 9.62
CA ARG A 314 -17.47 -19.85 9.38
C ARG A 314 -18.07 -20.19 8.02
N HIS A 315 -17.22 -20.28 6.99
CA HIS A 315 -17.74 -20.59 5.66
C HIS A 315 -18.28 -22.01 5.59
N TYR A 316 -17.69 -22.95 6.34
CA TYR A 316 -18.25 -24.30 6.37
C TYR A 316 -19.57 -24.33 7.10
N ARG A 317 -19.68 -23.57 8.20
CA ARG A 317 -20.95 -23.46 8.91
C ARG A 317 -22.04 -22.89 8.00
N MET A 318 -21.67 -21.92 7.14
CA MET A 318 -22.62 -21.39 6.18
C MET A 318 -22.97 -22.43 5.12
N TYR A 319 -21.97 -23.15 4.61
CA TYR A 319 -22.17 -24.11 3.54
C TYR A 319 -23.05 -25.28 3.99
N GLN A 320 -22.98 -25.63 5.28
CA GLN A 320 -23.81 -26.72 5.78
C GLN A 320 -25.30 -26.38 5.69
N LYS A 321 -25.66 -25.11 5.86
CA LYS A 321 -27.05 -24.69 5.75
C LYS A 321 -27.48 -24.46 4.30
N GLY A 322 -26.62 -24.75 3.33
CA GLY A 322 -26.95 -24.48 1.95
C GLY A 322 -26.89 -23.02 1.57
N GLN A 323 -26.06 -22.23 2.25
CA GLN A 323 -25.92 -20.82 1.95
C GLN A 323 -24.73 -20.60 1.01
N GLU A 324 -24.74 -19.44 0.35
CA GLU A 324 -23.70 -19.13 -0.62
C GLU A 324 -22.43 -18.67 0.09
N THR A 325 -21.31 -19.31 -0.24
CA THR A 325 -20.02 -18.98 0.34
C THR A 325 -19.09 -18.47 -0.76
N SER A 326 -18.09 -17.68 -0.35
CA SER A 326 -17.08 -17.14 -1.26
C SER A 326 -15.72 -17.35 -0.59
N THR A 327 -15.19 -18.57 -0.70
CA THR A 327 -13.95 -18.94 -0.03
C THR A 327 -12.80 -18.95 -1.03
N ASN A 328 -11.71 -18.29 -0.67
CA ASN A 328 -10.56 -18.15 -1.56
C ASN A 328 -9.77 -19.45 -1.61
N PRO A 329 -9.58 -20.05 -2.79
CA PRO A 329 -8.80 -21.30 -2.90
C PRO A 329 -7.34 -21.12 -3.29
N ILE A 330 -6.83 -19.89 -3.37
CA ILE A 330 -5.51 -19.66 -3.94
C ILE A 330 -4.43 -20.36 -3.12
N ALA A 331 -4.52 -20.29 -1.79
CA ALA A 331 -3.46 -20.85 -0.95
C ALA A 331 -3.37 -22.37 -1.11
N SER A 332 -4.50 -23.05 -1.24
CA SER A 332 -4.47 -24.51 -1.40
C SER A 332 -3.98 -24.89 -2.80
N ILE A 333 -4.43 -24.17 -3.82
CA ILE A 333 -3.93 -24.38 -5.17
C ILE A 333 -2.42 -24.24 -5.19
N PHE A 334 -1.89 -23.23 -4.50
CA PHE A 334 -0.45 -23.04 -4.50
C PHE A 334 0.28 -24.05 -3.63
N ALA A 335 -0.38 -24.58 -2.61
CA ALA A 335 0.16 -25.75 -1.93
C ALA A 335 0.41 -26.87 -2.93
N TRP A 336 -0.61 -27.17 -3.75
CA TRP A 336 -0.47 -28.19 -4.78
C TRP A 336 0.63 -27.84 -5.78
N THR A 337 0.69 -26.59 -6.22
CA THR A 337 1.65 -26.21 -7.25
C THR A 337 3.08 -26.23 -6.71
N ARG A 338 3.28 -25.81 -5.47
CA ARG A 338 4.62 -25.88 -4.88
C ARG A 338 5.06 -27.32 -4.68
N GLY A 339 4.16 -28.18 -4.19
CA GLY A 339 4.48 -29.59 -4.10
C GLY A 339 4.86 -30.18 -5.44
N LEU A 340 4.07 -29.88 -6.47
CA LEU A 340 4.34 -30.42 -7.81
C LEU A 340 5.62 -29.84 -8.40
N ALA A 341 5.94 -28.58 -8.10
CA ALA A 341 7.15 -27.98 -8.63
C ALA A 341 8.40 -28.59 -7.99
N HIS A 342 8.36 -28.83 -6.67
CA HIS A 342 9.47 -29.52 -6.05
C HIS A 342 9.57 -30.96 -6.55
N ARG A 343 8.43 -31.60 -6.78
CA ARG A 343 8.44 -32.94 -7.38
C ARG A 343 9.10 -32.92 -8.75
N ALA A 344 8.80 -31.91 -9.57
CA ALA A 344 9.40 -31.81 -10.89
C ALA A 344 10.88 -31.54 -10.80
N LYS A 345 11.31 -30.71 -9.84
CA LYS A 345 12.74 -30.47 -9.65
C LYS A 345 13.46 -31.74 -9.25
N LEU A 346 12.85 -32.55 -8.38
CA LEU A 346 13.49 -33.80 -7.98
C LEU A 346 13.51 -34.82 -9.10
N ASP A 347 12.48 -34.83 -9.95
CA ASP A 347 12.33 -35.85 -10.99
C ASP A 347 12.82 -35.41 -12.36
N ASN A 348 13.36 -34.19 -12.48
CA ASN A 348 13.80 -33.65 -13.77
C ASN A 348 12.65 -33.63 -14.78
N ASN A 349 11.49 -33.16 -14.34
CA ASN A 349 10.25 -33.23 -15.10
C ASN A 349 9.94 -31.85 -15.67
N LYS A 350 10.23 -31.66 -16.97
CA LYS A 350 9.96 -30.38 -17.61
C LYS A 350 8.46 -30.13 -17.72
N GLU A 351 7.70 -31.15 -18.09
CA GLU A 351 6.26 -30.98 -18.29
C GLU A 351 5.55 -30.67 -16.97
N LEU A 352 5.94 -31.33 -15.88
CA LEU A 352 5.30 -31.06 -14.60
C LEU A 352 5.64 -29.67 -14.08
N ALA A 353 6.89 -29.23 -14.30
CA ALA A 353 7.26 -27.86 -13.95
C ALA A 353 6.43 -26.86 -14.73
N PHE A 354 6.31 -27.08 -16.04
CA PHE A 354 5.48 -26.21 -16.87
C PHE A 354 4.04 -26.18 -16.37
N PHE A 355 3.50 -27.35 -15.99
CA PHE A 355 2.11 -27.40 -15.55
C PHE A 355 1.91 -26.64 -14.25
N ALA A 356 2.82 -26.84 -13.28
CA ALA A 356 2.69 -26.16 -12.00
C ALA A 356 2.77 -24.64 -12.17
N ASN A 357 3.76 -24.17 -12.94
CA ASN A 357 3.87 -22.74 -13.18
C ASN A 357 2.66 -22.22 -13.94
N ALA A 358 2.14 -23.01 -14.88
CA ALA A 358 0.97 -22.57 -15.65
C ALA A 358 -0.26 -22.46 -14.77
N LEU A 359 -0.40 -23.36 -13.79
CA LEU A 359 -1.52 -23.25 -12.86
C LEU A 359 -1.40 -22.02 -11.98
N GLU A 360 -0.19 -21.73 -11.49
CA GLU A 360 0.01 -20.49 -10.73
C GLU A 360 -0.32 -19.26 -11.58
N GLU A 361 0.16 -19.24 -12.82
CA GLU A 361 -0.12 -18.11 -13.70
C GLU A 361 -1.61 -17.99 -14.00
N VAL A 362 -2.29 -19.11 -14.17
CA VAL A 362 -3.73 -19.09 -14.44
C VAL A 362 -4.47 -18.47 -13.26
N SER A 363 -4.13 -18.91 -12.05
CA SER A 363 -4.76 -18.35 -10.86
C SER A 363 -4.55 -16.84 -10.78
N ILE A 364 -3.31 -16.40 -10.91
CA ILE A 364 -3.01 -14.98 -10.75
C ILE A 364 -3.67 -14.15 -11.85
N GLU A 365 -3.61 -14.65 -13.10
CA GLU A 365 -4.22 -13.92 -14.21
C GLU A 365 -5.74 -13.85 -14.07
N THR A 366 -6.37 -14.96 -13.65
CA THR A 366 -7.80 -14.96 -13.41
C THR A 366 -8.18 -13.87 -12.40
N ILE A 367 -7.42 -13.78 -11.30
CA ILE A 367 -7.74 -12.77 -10.30
C ILE A 367 -7.50 -11.37 -10.87
N GLU A 368 -6.39 -11.17 -11.59
CA GLU A 368 -6.06 -9.84 -12.10
C GLU A 368 -6.99 -9.38 -13.21
N ALA A 369 -7.70 -10.30 -13.87
CA ALA A 369 -8.65 -9.93 -14.91
C ALA A 369 -9.99 -9.46 -14.37
N GLY A 370 -10.24 -9.65 -13.08
CA GLY A 370 -11.48 -9.21 -12.47
C GLY A 370 -12.33 -10.32 -11.88
N PHE A 371 -11.89 -11.56 -11.89
CA PHE A 371 -12.63 -12.67 -11.28
C PHE A 371 -11.96 -13.04 -9.96
N MET A 372 -12.68 -12.90 -8.86
CA MET A 372 -12.10 -13.09 -7.54
C MET A 372 -13.21 -13.43 -6.55
N THR A 373 -12.79 -13.93 -5.39
CA THR A 373 -13.72 -14.18 -4.30
C THR A 373 -13.97 -12.91 -3.50
N LYS A 374 -14.80 -13.01 -2.46
CA LYS A 374 -15.30 -11.82 -1.77
C LYS A 374 -14.21 -11.11 -0.98
N ASP A 375 -13.18 -11.83 -0.52
CA ASP A 375 -12.15 -11.20 0.30
C ASP A 375 -11.26 -10.28 -0.55
N LEU A 376 -10.92 -10.70 -1.77
CA LEU A 376 -10.14 -9.83 -2.63
C LEU A 376 -10.96 -8.63 -3.11
N ALA A 377 -12.26 -8.85 -3.38
CA ALA A 377 -13.14 -7.74 -3.69
C ALA A 377 -13.26 -6.78 -2.51
N ALA A 378 -13.17 -7.29 -1.28
CA ALA A 378 -13.14 -6.41 -0.12
C ALA A 378 -11.83 -5.63 -0.05
N CYS A 379 -10.73 -6.29 -0.41
CA CYS A 379 -9.45 -5.58 -0.47
C CYS A 379 -9.51 -4.42 -1.47
N ILE A 380 -10.20 -4.62 -2.58
CA ILE A 380 -10.31 -3.57 -3.60
C ILE A 380 -11.29 -2.49 -3.17
N LYS A 381 -12.55 -2.86 -2.96
CA LYS A 381 -13.62 -1.89 -2.77
C LYS A 381 -13.74 -1.44 -1.32
N GLY A 382 -13.35 -2.29 -0.37
CA GLY A 382 -13.68 -2.07 1.02
C GLY A 382 -14.92 -2.86 1.41
N LEU A 383 -14.85 -3.57 2.52
CA LEU A 383 -15.90 -4.51 2.91
C LEU A 383 -17.31 -3.95 2.83
N PRO A 384 -17.63 -2.76 3.39
CA PRO A 384 -19.01 -2.28 3.32
C PRO A 384 -19.48 -1.95 1.91
N ASN A 385 -18.56 -1.70 0.97
CA ASN A 385 -18.92 -1.27 -0.38
C ASN A 385 -18.96 -2.43 -1.37
N VAL A 386 -18.82 -3.66 -0.91
CA VAL A 386 -18.82 -4.81 -1.80
C VAL A 386 -20.25 -5.23 -2.09
N GLN A 387 -20.54 -5.55 -3.35
CA GLN A 387 -21.83 -6.09 -3.77
C GLN A 387 -21.65 -7.49 -4.32
N ARG A 388 -22.77 -8.18 -4.53
CA ARG A 388 -22.71 -9.56 -5.01
C ARG A 388 -22.10 -9.65 -6.39
N SER A 389 -22.27 -8.61 -7.21
CA SER A 389 -21.72 -8.61 -8.56
C SER A 389 -20.21 -8.36 -8.59
N ASP A 390 -19.59 -8.04 -7.46
CA ASP A 390 -18.16 -7.76 -7.41
C ASP A 390 -17.32 -9.02 -7.31
N TYR A 391 -17.91 -10.16 -6.95
CA TYR A 391 -17.14 -11.38 -6.72
C TYR A 391 -17.92 -12.58 -7.24
N LEU A 392 -17.22 -13.71 -7.29
CA LEU A 392 -17.82 -15.02 -7.56
C LEU A 392 -17.84 -15.83 -6.27
N ASN A 393 -18.72 -16.82 -6.22
CA ASN A 393 -18.75 -17.70 -5.06
C ASN A 393 -17.65 -18.75 -5.21
N THR A 394 -17.62 -19.72 -4.29
CA THR A 394 -16.54 -20.72 -4.30
C THR A 394 -16.57 -21.55 -5.57
N PHE A 395 -17.75 -22.09 -5.90
CA PHE A 395 -17.83 -23.01 -7.03
C PHE A 395 -17.75 -22.26 -8.36
N GLU A 396 -18.29 -21.05 -8.44
CA GLU A 396 -18.13 -20.24 -9.65
C GLU A 396 -16.66 -19.92 -9.90
N PHE A 397 -15.92 -19.59 -8.84
CA PHE A 397 -14.50 -19.26 -9.01
C PHE A 397 -13.70 -20.50 -9.40
N MET A 398 -14.01 -21.65 -8.80
CA MET A 398 -13.32 -22.87 -9.20
C MET A 398 -13.63 -23.24 -10.66
N ASP A 399 -14.89 -23.05 -11.08
CA ASP A 399 -15.25 -23.28 -12.48
C ASP A 399 -14.46 -22.37 -13.41
N LYS A 400 -14.35 -21.08 -13.04
CA LYS A 400 -13.60 -20.14 -13.88
C LYS A 400 -12.13 -20.53 -13.97
N LEU A 401 -11.55 -20.94 -12.84
CA LEU A 401 -10.16 -21.39 -12.86
C LEU A 401 -9.99 -22.62 -13.75
N GLY A 402 -10.93 -23.56 -13.69
CA GLY A 402 -10.86 -24.72 -14.56
C GLY A 402 -10.94 -24.35 -16.03
N GLU A 403 -11.85 -23.44 -16.37
CA GLU A 403 -11.96 -22.96 -17.74
C GLU A 403 -10.64 -22.36 -18.23
N ASN A 404 -10.09 -21.43 -17.46
CA ASN A 404 -8.86 -20.76 -17.89
C ASN A 404 -7.68 -21.71 -17.92
N LEU A 405 -7.65 -22.71 -17.02
CA LEU A 405 -6.59 -23.71 -17.05
C LEU A 405 -6.67 -24.57 -18.30
N LYS A 406 -7.89 -25.01 -18.67
CA LYS A 406 -8.04 -25.75 -19.91
C LYS A 406 -7.60 -24.90 -21.10
N ILE A 407 -7.94 -23.62 -21.11
CA ILE A 407 -7.55 -22.75 -22.23
C ILE A 407 -6.04 -22.65 -22.33
N LYS A 408 -5.37 -22.38 -21.19
CA LYS A 408 -3.92 -22.21 -21.21
C LYS A 408 -3.21 -23.51 -21.59
N LEU A 409 -3.67 -24.64 -21.06
CA LEU A 409 -3.03 -25.91 -21.38
C LEU A 409 -3.32 -26.37 -22.80
N ALA A 410 -4.43 -25.92 -23.40
CA ALA A 410 -4.65 -26.15 -24.81
C ALA A 410 -3.73 -25.27 -25.65
N GLN A 411 -3.48 -24.05 -25.20
CA GLN A 411 -2.48 -23.20 -25.83
C GLN A 411 -1.06 -23.71 -25.61
N ALA A 412 -0.86 -24.63 -24.67
CA ALA A 412 0.39 -25.37 -24.58
C ALA A 412 0.54 -26.38 -25.72
N LYS A 413 -0.40 -26.42 -26.65
CA LYS A 413 -0.33 -27.25 -27.84
C LYS A 413 -0.37 -26.44 -29.13
N LEU A 414 -0.50 -25.12 -29.03
CA LEU A 414 -0.55 -24.26 -30.22
C LEU A 414 0.78 -23.53 -30.41
N SER B 2 2.67 43.00 23.32
CA SER B 2 2.58 43.82 24.53
C SER B 2 2.83 42.96 25.76
N LYS B 3 1.78 42.77 26.57
CA LYS B 3 1.90 41.96 27.76
C LYS B 3 2.01 40.48 27.39
N LYS B 4 2.90 39.78 28.08
CA LYS B 4 3.07 38.35 27.87
C LYS B 4 2.09 37.56 28.75
N ILE B 5 1.93 36.29 28.42
CA ILE B 5 1.04 35.42 29.17
C ILE B 5 1.78 34.87 30.39
N SER B 6 1.08 34.80 31.52
CA SER B 6 1.67 34.26 32.73
C SER B 6 1.78 32.74 32.60
N GLY B 7 3.01 32.23 32.63
CA GLY B 7 3.25 30.83 32.32
C GLY B 7 3.40 29.91 33.52
N GLY B 8 3.95 30.42 34.62
CA GLY B 8 4.14 29.59 35.80
C GLY B 8 5.50 28.93 35.84
N SER B 9 5.63 27.98 36.77
CA SER B 9 6.90 27.31 37.01
C SER B 9 7.08 26.16 36.03
N VAL B 10 8.23 26.15 35.34
CA VAL B 10 8.57 25.12 34.36
C VAL B 10 10.04 24.77 34.52
N VAL B 11 10.36 23.48 34.55
CA VAL B 11 11.75 23.03 34.64
C VAL B 11 12.26 22.78 33.23
N GLU B 12 13.28 23.52 32.82
CA GLU B 12 13.88 23.40 31.51
C GLU B 12 15.21 22.66 31.61
N MET B 13 15.46 21.75 30.67
CA MET B 13 16.71 21.00 30.61
C MET B 13 17.35 21.23 29.25
N GLN B 14 18.50 21.90 29.24
CA GLN B 14 19.20 22.20 28.00
C GLN B 14 20.01 20.99 27.55
N GLY B 15 20.19 20.87 26.24
CA GLY B 15 20.79 19.67 25.67
C GLY B 15 22.08 19.87 24.92
N ASP B 16 22.27 19.07 23.86
CA ASP B 16 23.52 19.01 23.13
C ASP B 16 23.28 19.19 21.64
N GLU B 17 24.20 19.89 20.99
CA GLU B 17 24.34 19.89 19.54
C GLU B 17 23.16 20.52 18.80
N MET B 18 22.75 19.88 17.70
CA MET B 18 21.76 20.47 16.81
C MET B 18 20.45 20.74 17.52
N THR B 19 20.04 19.83 18.40
CA THR B 19 18.84 20.07 19.19
C THR B 19 19.04 21.23 20.16
N ARG B 20 20.27 21.47 20.63
CA ARG B 20 20.52 22.65 21.46
C ARG B 20 20.34 23.94 20.66
N ILE B 21 20.87 23.97 19.44
CA ILE B 21 20.68 25.14 18.57
C ILE B 21 19.19 25.38 18.33
N ILE B 22 18.48 24.33 17.92
CA ILE B 22 17.05 24.46 17.66
C ILE B 22 16.29 24.84 18.93
N TRP B 23 16.77 24.38 20.09
CA TRP B 23 16.14 24.71 21.37
C TRP B 23 16.24 26.21 21.63
N GLU B 24 17.43 26.78 21.46
CA GLU B 24 17.58 28.22 21.64
C GLU B 24 16.73 28.99 20.63
N LEU B 25 16.66 28.51 19.39
CA LEU B 25 15.81 29.18 18.40
C LEU B 25 14.35 29.15 18.80
N ILE B 26 13.87 28.00 19.29
CA ILE B 26 12.47 27.86 19.71
C ILE B 26 12.18 28.80 20.86
N LYS B 27 13.09 28.89 21.84
CA LYS B 27 12.86 29.79 22.95
C LYS B 27 12.86 31.25 22.50
N GLU B 28 13.78 31.61 21.60
CA GLU B 28 13.90 33.02 21.21
C GLU B 28 12.74 33.47 20.35
N LYS B 29 12.24 32.62 19.46
CA LYS B 29 11.27 33.07 18.47
C LYS B 29 9.83 32.66 18.74
N LEU B 30 9.60 31.58 19.49
CA LEU B 30 8.26 31.01 19.61
C LEU B 30 7.66 31.09 21.01
N ILE B 31 8.48 31.02 22.06
CA ILE B 31 8.01 30.96 23.45
C ILE B 31 8.18 32.31 24.15
N PHE B 32 9.43 32.75 24.34
CA PHE B 32 9.68 33.93 25.16
C PHE B 32 8.97 35.20 24.71
N PRO B 33 8.84 35.50 23.41
CA PRO B 33 8.11 36.73 23.03
C PRO B 33 6.68 36.78 23.53
N TYR B 34 6.04 35.63 23.79
CA TYR B 34 4.63 35.60 24.12
C TYR B 34 4.32 35.08 25.51
N VAL B 35 5.26 34.42 26.19
CA VAL B 35 5.02 33.82 27.50
C VAL B 35 6.16 34.22 28.43
N GLU B 36 5.81 34.68 29.63
CA GLU B 36 6.77 34.94 30.69
C GLU B 36 6.71 33.78 31.69
N LEU B 37 7.80 33.04 31.79
CA LEU B 37 7.84 31.82 32.57
C LEU B 37 8.70 31.98 33.82
N ASP B 38 8.43 31.13 34.80
CA ASP B 38 9.31 30.94 35.95
C ASP B 38 10.13 29.69 35.65
N LEU B 39 11.27 29.89 34.99
CA LEU B 39 12.05 28.79 34.43
C LEU B 39 13.15 28.37 35.40
N HIS B 40 13.06 27.12 35.86
CA HIS B 40 14.17 26.49 36.58
C HIS B 40 15.02 25.79 35.52
N SER B 41 16.10 26.44 35.09
CA SER B 41 16.93 25.92 34.02
C SER B 41 18.02 25.03 34.57
N TYR B 42 18.34 23.98 33.81
CA TYR B 42 19.42 23.06 34.17
C TYR B 42 20.14 22.67 32.88
N ASP B 43 21.44 22.92 32.83
CA ASP B 43 22.24 22.57 31.66
C ASP B 43 22.59 21.10 31.75
N LEU B 44 21.94 20.28 30.92
CA LEU B 44 22.26 18.87 30.81
C LEU B 44 23.20 18.58 29.63
N GLY B 45 23.89 19.60 29.13
CA GLY B 45 24.92 19.37 28.15
C GLY B 45 26.01 18.48 28.70
N ILE B 46 26.65 17.71 27.80
CA ILE B 46 27.63 16.74 28.24
C ILE B 46 28.81 17.42 28.93
N GLU B 47 29.12 18.65 28.52
CA GLU B 47 30.18 19.41 29.18
C GLU B 47 29.84 19.64 30.65
N ASN B 48 28.69 20.27 30.91
CA ASN B 48 28.28 20.54 32.29
C ASN B 48 28.03 19.25 33.05
N ARG B 49 27.48 18.23 32.38
CA ARG B 49 27.22 16.96 33.04
C ARG B 49 28.52 16.33 33.53
N ASP B 50 29.58 16.42 32.73
CA ASP B 50 30.88 15.91 33.17
C ASP B 50 31.49 16.81 34.24
N ALA B 51 31.22 18.12 34.16
CA ALA B 51 31.78 19.05 35.14
C ALA B 51 31.22 18.82 36.54
N THR B 52 29.97 18.38 36.64
CA THR B 52 29.32 18.18 37.93
C THR B 52 29.16 16.70 38.27
N ASN B 53 29.74 15.80 37.49
CA ASN B 53 29.65 14.37 37.71
C ASN B 53 28.20 13.88 37.73
N ASP B 54 27.44 14.29 36.72
CA ASP B 54 26.06 13.91 36.49
C ASP B 54 25.12 14.34 37.61
N GLN B 55 25.56 15.25 38.48
CA GLN B 55 24.71 15.71 39.58
C GLN B 55 23.61 16.66 39.10
N VAL B 56 23.87 17.43 38.04
CA VAL B 56 22.85 18.32 37.51
C VAL B 56 21.66 17.52 37.00
N THR B 57 21.88 16.27 36.58
CA THR B 57 20.78 15.42 36.15
C THR B 57 19.85 15.08 37.30
N LYS B 58 20.42 14.66 38.44
CA LYS B 58 19.61 14.40 39.63
C LYS B 58 18.91 15.67 40.09
N ASP B 59 19.61 16.79 40.05
CA ASP B 59 18.99 18.07 40.44
C ASP B 59 17.79 18.39 39.55
N ALA B 60 17.93 18.20 38.24
CA ALA B 60 16.84 18.49 37.32
C ALA B 60 15.67 17.53 37.54
N ALA B 61 15.95 16.26 37.78
CA ALA B 61 14.87 15.30 38.04
C ALA B 61 14.12 15.65 39.31
N GLU B 62 14.84 16.07 40.35
CA GLU B 62 14.16 16.47 41.58
C GLU B 62 13.38 17.76 41.39
N ALA B 63 13.89 18.67 40.57
CA ALA B 63 13.14 19.89 40.26
C ALA B 63 11.86 19.58 39.51
N ILE B 64 11.90 18.60 38.61
CA ILE B 64 10.69 18.16 37.93
C ILE B 64 9.71 17.55 38.93
N LYS B 65 10.21 16.68 39.81
CA LYS B 65 9.36 16.09 40.84
C LYS B 65 8.72 17.18 41.72
N LYS B 66 9.40 18.31 41.88
CA LYS B 66 8.87 19.40 42.69
C LYS B 66 7.82 20.21 41.93
N HIS B 67 8.12 20.62 40.70
CA HIS B 67 7.29 21.59 39.98
C HIS B 67 6.30 20.96 39.00
N ASN B 68 6.37 19.65 38.78
CA ASN B 68 5.42 18.82 38.05
C ASN B 68 5.53 18.94 36.52
N VAL B 69 6.33 19.85 35.99
CA VAL B 69 6.41 20.00 34.53
C VAL B 69 7.84 20.29 34.13
N GLY B 70 8.37 19.48 33.21
CA GLY B 70 9.69 19.68 32.66
C GLY B 70 9.74 19.48 31.16
N VAL B 71 10.46 20.35 30.47
CA VAL B 71 10.70 20.24 29.04
C VAL B 71 12.19 20.03 28.83
N LYS B 72 12.54 19.00 28.07
CA LYS B 72 13.93 18.55 27.95
C LYS B 72 14.37 18.55 26.49
N CYS B 73 15.58 19.04 26.27
CA CYS B 73 16.24 18.94 24.98
C CYS B 73 16.96 17.61 24.86
N ALA B 74 17.21 17.19 23.62
CA ALA B 74 17.90 15.93 23.38
C ALA B 74 19.32 16.00 23.93
N THR B 75 19.71 14.96 24.68
CA THR B 75 21.01 14.92 25.32
C THR B 75 21.86 13.80 24.74
N ILE B 76 23.17 13.95 24.92
CA ILE B 76 24.14 12.96 24.45
C ILE B 76 24.27 11.87 25.50
N THR B 77 24.02 10.62 25.10
CA THR B 77 24.30 9.47 25.95
C THR B 77 25.70 8.97 25.64
N PRO B 78 26.66 9.11 26.54
CA PRO B 78 28.05 8.77 26.20
C PRO B 78 28.21 7.30 25.89
N ASP B 79 29.20 7.00 25.06
CA ASP B 79 29.57 5.63 24.73
C ASP B 79 31.09 5.57 24.63
N GLU B 80 31.59 4.56 23.91
CA GLU B 80 33.03 4.39 23.77
C GLU B 80 33.65 5.57 23.03
N LYS B 81 32.98 6.08 21.99
CA LYS B 81 33.53 7.16 21.18
C LYS B 81 33.57 8.48 21.94
N ARG B 82 32.44 8.86 22.53
CA ARG B 82 32.30 10.22 23.05
C ARG B 82 33.06 10.46 24.34
N VAL B 83 33.40 9.39 25.07
CA VAL B 83 34.31 9.54 26.21
C VAL B 83 35.65 10.08 25.73
N GLU B 84 36.18 9.53 24.64
CA GLU B 84 37.41 10.07 24.07
C GLU B 84 37.17 11.41 23.40
N GLU B 85 35.98 11.62 22.84
CA GLU B 85 35.69 12.89 22.17
C GLU B 85 35.75 14.05 23.16
N PHE B 86 35.14 13.89 24.34
CA PHE B 86 35.02 14.99 25.30
C PHE B 86 35.96 14.87 26.49
N LYS B 87 36.79 13.83 26.56
CA LYS B 87 37.67 13.58 27.71
C LYS B 87 36.84 13.46 28.99
N LEU B 88 35.91 12.51 28.98
CA LEU B 88 34.99 12.32 30.09
C LEU B 88 35.64 11.54 31.22
N LYS B 89 35.30 11.90 32.45
CA LYS B 89 35.79 11.18 33.63
C LYS B 89 35.24 9.76 33.63
N GLN B 90 33.95 9.64 33.91
CA GLN B 90 33.22 8.37 33.80
C GLN B 90 32.40 8.37 32.52
N MET B 91 31.97 7.18 32.11
CA MET B 91 30.99 7.04 31.04
C MET B 91 29.61 7.21 31.66
N TRP B 92 29.15 8.46 31.73
CA TRP B 92 27.94 8.78 32.46
C TRP B 92 26.72 8.11 31.84
N LYS B 93 25.79 7.70 32.69
CA LYS B 93 24.59 7.01 32.24
C LYS B 93 23.70 7.97 31.44
N SER B 94 22.74 7.39 30.73
CA SER B 94 21.81 8.17 29.95
C SER B 94 20.99 9.06 30.87
N PRO B 95 20.92 10.38 30.62
CA PRO B 95 20.11 11.25 31.48
C PRO B 95 18.64 10.87 31.48
N ASN B 96 18.12 10.39 30.34
CA ASN B 96 16.73 9.95 30.29
C ASN B 96 16.47 8.83 31.29
N GLY B 97 17.39 7.87 31.39
CA GLY B 97 17.21 6.78 32.33
C GLY B 97 17.22 7.24 33.77
N THR B 98 18.15 8.14 34.12
CA THR B 98 18.20 8.68 35.47
C THR B 98 16.91 9.41 35.82
N ILE B 99 16.47 10.30 34.92
CA ILE B 99 15.26 11.07 35.17
C ILE B 99 14.04 10.15 35.29
N ARG B 100 13.97 9.13 34.43
CA ARG B 100 12.84 8.20 34.47
C ARG B 100 12.82 7.41 35.76
N ASN B 101 13.98 6.90 36.20
CA ASN B 101 14.02 6.11 37.43
C ASN B 101 13.77 6.98 38.66
N ILE B 102 14.14 8.25 38.61
CA ILE B 102 13.84 9.14 39.74
C ILE B 102 12.36 9.48 39.77
N LEU B 103 11.76 9.71 38.60
CA LEU B 103 10.35 10.05 38.54
C LEU B 103 9.44 8.83 38.58
N GLY B 104 9.92 7.68 38.14
CA GLY B 104 9.12 6.47 38.20
C GLY B 104 7.96 6.44 37.24
N GLY B 105 8.04 7.18 36.13
CA GLY B 105 6.98 7.24 35.16
C GLY B 105 7.20 6.32 33.97
N THR B 106 6.39 6.52 32.95
CA THR B 106 6.41 5.73 31.73
C THR B 106 6.41 6.66 30.52
N VAL B 107 7.16 6.27 29.49
CA VAL B 107 7.31 7.10 28.29
C VAL B 107 6.26 6.71 27.26
N PHE B 108 5.61 7.72 26.69
CA PHE B 108 4.59 7.54 25.66
C PHE B 108 5.01 8.33 24.43
N ARG B 109 5.12 7.65 23.30
CA ARG B 109 5.58 8.24 22.05
C ARG B 109 4.41 8.38 21.08
N GLU B 110 4.37 9.53 20.41
CA GLU B 110 3.29 9.89 19.49
C GLU B 110 3.84 10.66 18.31
N ALA B 111 3.37 10.32 17.12
CA ALA B 111 3.77 11.02 15.89
C ALA B 111 2.76 12.13 15.58
N ILE B 112 3.28 13.21 15.03
CA ILE B 112 2.47 14.37 14.68
C ILE B 112 2.06 14.27 13.22
N ILE B 113 0.76 14.24 12.97
CA ILE B 113 0.21 13.98 11.64
C ILE B 113 0.08 15.30 10.88
N CYS B 114 0.52 15.30 9.63
CA CYS B 114 0.25 16.37 8.68
C CYS B 114 -0.39 15.75 7.44
N LYS B 115 -1.55 16.28 7.04
CA LYS B 115 -2.37 15.59 6.05
C LYS B 115 -1.71 15.50 4.68
N ASN B 116 -0.67 16.29 4.42
CA ASN B 116 0.03 16.23 3.15
C ASN B 116 1.28 15.36 3.20
N ILE B 117 1.63 14.82 4.36
CA ILE B 117 2.80 13.95 4.52
C ILE B 117 2.32 12.51 4.38
N PRO B 118 2.75 11.77 3.36
CA PRO B 118 2.28 10.39 3.19
C PRO B 118 2.78 9.48 4.30
N ARG B 119 2.01 8.44 4.57
CA ARG B 119 2.34 7.43 5.56
C ARG B 119 2.47 6.07 4.90
N LEU B 120 3.38 5.25 5.43
CA LEU B 120 3.65 3.96 4.80
C LEU B 120 2.53 2.96 5.02
N VAL B 121 1.77 3.10 6.09
CA VAL B 121 0.54 2.34 6.29
C VAL B 121 -0.62 3.18 5.78
N SER B 122 -1.45 2.58 4.93
CA SER B 122 -2.47 3.30 4.18
C SER B 122 -3.44 4.06 5.07
N GLY B 123 -4.28 3.33 5.81
CA GLY B 123 -5.38 3.90 6.56
C GLY B 123 -5.04 4.70 7.79
N TRP B 124 -3.76 4.91 8.10
CA TRP B 124 -3.38 5.62 9.31
C TRP B 124 -3.79 7.10 9.21
N VAL B 125 -4.77 7.49 10.01
CA VAL B 125 -5.28 8.85 10.04
C VAL B 125 -5.03 9.52 11.38
N LYS B 126 -5.20 8.78 12.48
CA LYS B 126 -4.96 9.25 13.83
C LYS B 126 -3.69 8.62 14.39
N PRO B 127 -3.03 9.25 15.35
CA PRO B 127 -1.78 8.69 15.87
C PRO B 127 -2.01 7.49 16.77
N ILE B 128 -1.04 6.59 16.76
CA ILE B 128 -1.00 5.46 17.68
C ILE B 128 0.04 5.79 18.74
N ILE B 129 -0.41 6.07 19.95
CA ILE B 129 0.47 6.47 21.05
C ILE B 129 0.94 5.21 21.76
N ILE B 130 2.24 4.97 21.74
CA ILE B 130 2.83 3.73 22.27
C ILE B 130 3.48 4.02 23.62
N GLY B 131 3.07 3.29 24.64
CA GLY B 131 3.64 3.42 25.97
C GLY B 131 4.60 2.26 26.23
N HIS B 132 5.81 2.61 26.63
CA HIS B 132 6.91 1.64 26.76
C HIS B 132 7.18 1.36 28.23
N HIS B 133 6.99 0.11 28.63
CA HIS B 133 7.40 -0.36 29.95
C HIS B 133 8.88 -0.67 29.91
N ALA B 134 9.71 0.27 30.33
CA ALA B 134 11.16 0.19 30.10
C ALA B 134 11.89 -0.37 31.32
N TYR B 135 11.48 -1.54 31.81
CA TYR B 135 12.17 -2.17 32.93
C TYR B 135 12.04 -3.68 32.83
N GLY B 136 13.13 -4.38 33.12
CA GLY B 136 13.11 -5.82 33.25
C GLY B 136 12.99 -6.55 31.92
N ASP B 137 12.54 -7.79 32.01
CA ASP B 137 12.37 -8.71 30.87
C ASP B 137 13.75 -8.90 30.23
N GLN B 138 13.83 -9.04 28.90
CA GLN B 138 15.09 -9.30 28.22
C GLN B 138 16.16 -8.27 28.56
N TYR B 139 15.77 -7.08 28.99
CA TYR B 139 16.72 -6.00 29.24
C TYR B 139 17.29 -6.02 30.65
N ARG B 140 16.94 -7.02 31.46
CA ARG B 140 17.58 -7.25 32.75
C ARG B 140 17.71 -8.75 32.99
N ALA B 141 18.19 -9.45 31.99
CA ALA B 141 18.25 -10.91 32.00
C ALA B 141 19.69 -11.39 32.11
N THR B 142 19.84 -12.61 32.62
CA THR B 142 21.11 -13.32 32.65
C THR B 142 21.04 -14.41 31.59
N ASP B 143 21.74 -14.19 30.47
CA ASP B 143 21.83 -15.16 29.40
C ASP B 143 23.23 -15.76 29.36
N PHE B 144 23.32 -16.99 28.87
CA PHE B 144 24.59 -17.70 28.85
C PHE B 144 24.53 -18.84 27.86
N VAL B 145 25.73 -19.29 27.46
CA VAL B 145 25.89 -20.40 26.53
C VAL B 145 26.04 -21.69 27.34
N VAL B 146 25.27 -22.71 26.97
CA VAL B 146 25.40 -24.04 27.55
C VAL B 146 26.44 -24.79 26.71
N PRO B 147 27.64 -25.03 27.24
CA PRO B 147 28.69 -25.62 26.40
C PRO B 147 28.54 -27.11 26.15
N GLY B 148 27.72 -27.81 26.94
CA GLY B 148 27.56 -29.24 26.79
C GLY B 148 26.43 -29.79 27.63
N PRO B 149 26.32 -31.12 27.67
CA PRO B 149 25.20 -31.75 28.38
C PRO B 149 25.15 -31.37 29.85
N GLY B 150 23.94 -31.18 30.35
CA GLY B 150 23.75 -30.82 31.74
C GLY B 150 22.37 -30.26 31.98
N LYS B 151 22.08 -30.02 33.26
CA LYS B 151 20.81 -29.47 33.68
C LYS B 151 20.84 -27.95 33.72
N VAL B 152 19.76 -27.33 33.26
CA VAL B 152 19.49 -25.92 33.49
C VAL B 152 18.20 -25.86 34.29
N GLU B 153 18.30 -25.42 35.53
CA GLU B 153 17.19 -25.28 36.46
C GLU B 153 17.06 -23.83 36.88
N ILE B 154 15.89 -23.47 37.39
CA ILE B 154 15.65 -22.14 37.95
C ILE B 154 14.93 -22.32 39.29
N THR B 155 15.39 -21.59 40.30
CA THR B 155 14.93 -21.80 41.66
C THR B 155 14.50 -20.48 42.29
N TYR B 156 13.47 -20.57 43.14
CA TYR B 156 13.01 -19.44 43.94
C TYR B 156 13.23 -19.77 45.40
N THR B 157 14.04 -18.94 46.08
CA THR B 157 14.37 -19.16 47.49
C THR B 157 13.75 -18.07 48.33
N PRO B 158 12.66 -18.33 49.04
CA PRO B 158 12.02 -17.29 49.85
C PRO B 158 12.94 -16.83 50.98
N SER B 159 12.91 -15.54 51.26
CA SER B 159 13.77 -14.97 52.29
C SER B 159 13.21 -15.15 53.70
N ASP B 160 11.92 -15.46 53.83
CA ASP B 160 11.35 -15.69 55.16
C ASP B 160 11.86 -16.99 55.77
N GLY B 161 12.17 -17.98 54.94
CA GLY B 161 12.68 -19.24 55.43
C GLY B 161 11.93 -20.44 54.92
N THR B 162 10.88 -20.21 54.13
CA THR B 162 10.03 -21.29 53.65
C THR B 162 10.79 -22.16 52.63
N GLN B 163 10.07 -23.15 52.10
CA GLN B 163 10.68 -24.17 51.26
C GLN B 163 11.13 -23.59 49.92
N LYS B 164 12.29 -24.06 49.44
CA LYS B 164 12.74 -23.72 48.09
C LYS B 164 11.81 -24.33 47.04
N VAL B 165 11.80 -23.72 45.86
CA VAL B 165 11.06 -24.23 44.72
C VAL B 165 12.03 -24.29 43.55
N THR B 166 12.21 -25.49 42.99
CA THR B 166 13.12 -25.71 41.88
C THR B 166 12.34 -26.22 40.68
N TYR B 167 12.49 -25.53 39.55
CA TYR B 167 11.88 -25.94 38.29
C TYR B 167 12.96 -26.32 37.28
N LEU B 168 12.66 -27.31 36.45
CA LEU B 168 13.57 -27.74 35.40
C LEU B 168 13.32 -26.91 34.15
N VAL B 169 14.32 -26.14 33.73
CA VAL B 169 14.23 -25.43 32.45
C VAL B 169 14.49 -26.39 31.31
N HIS B 170 15.63 -27.08 31.33
CA HIS B 170 15.93 -28.03 30.28
C HIS B 170 17.04 -28.97 30.75
N ASN B 171 17.11 -30.13 30.09
CA ASN B 171 18.18 -31.11 30.30
C ASN B 171 18.84 -31.36 28.96
N PHE B 172 20.01 -30.75 28.74
CA PHE B 172 20.76 -30.95 27.50
C PHE B 172 21.43 -32.31 27.56
N GLU B 173 21.07 -33.19 26.64
CA GLU B 173 21.69 -34.51 26.53
C GLU B 173 22.56 -34.66 25.30
N GLU B 174 22.24 -33.96 24.22
CA GLU B 174 23.09 -33.91 23.04
C GLU B 174 23.54 -32.45 22.85
N GLY B 175 24.85 -32.25 22.81
CA GLY B 175 25.38 -30.92 22.60
C GLY B 175 24.97 -29.94 23.68
N GLY B 176 24.97 -28.66 23.32
CA GLY B 176 24.62 -27.58 24.21
C GLY B 176 23.61 -26.65 23.57
N GLY B 177 23.72 -25.36 23.92
CA GLY B 177 22.79 -24.37 23.41
C GLY B 177 22.89 -23.05 24.15
N VAL B 178 21.74 -22.47 24.50
CA VAL B 178 21.72 -21.23 25.27
C VAL B 178 20.61 -21.31 26.32
N ALA B 179 20.74 -20.48 27.35
CA ALA B 179 19.70 -20.37 28.35
C ALA B 179 19.74 -18.96 28.95
N MET B 180 18.64 -18.58 29.58
CA MET B 180 18.57 -17.26 30.18
C MET B 180 17.45 -17.22 31.22
N GLY B 181 17.65 -16.37 32.20
CA GLY B 181 16.62 -16.09 33.19
C GLY B 181 16.33 -14.60 33.27
N MET B 182 15.04 -14.27 33.31
CA MET B 182 14.62 -12.88 33.37
C MET B 182 13.43 -12.76 34.31
N TYR B 183 13.11 -11.52 34.69
CA TYR B 183 12.12 -11.26 35.72
C TYR B 183 11.45 -9.92 35.46
N ASN B 184 10.37 -9.68 36.20
CA ASN B 184 9.80 -8.35 36.36
C ASN B 184 9.28 -8.23 37.79
N GLN B 185 8.83 -7.03 38.13
CA GLN B 185 8.49 -6.69 39.50
C GLN B 185 7.10 -6.07 39.57
N ASP B 186 6.36 -6.40 40.63
CA ASP B 186 4.96 -6.01 40.74
C ASP B 186 4.79 -4.50 40.71
N LYS B 187 5.57 -3.78 41.54
CA LYS B 187 5.37 -2.34 41.66
C LYS B 187 5.67 -1.62 40.35
N SER B 188 6.65 -2.11 39.59
CA SER B 188 6.95 -1.51 38.30
C SER B 188 5.79 -1.69 37.33
N ILE B 189 5.19 -2.89 37.29
CA ILE B 189 4.04 -3.14 36.44
C ILE B 189 2.86 -2.27 36.89
N GLU B 190 2.72 -2.07 38.19
CA GLU B 190 1.62 -1.25 38.71
C GLU B 190 1.78 0.21 38.31
N ASP B 191 3.00 0.75 38.42
CA ASP B 191 3.26 2.10 37.95
C ASP B 191 3.02 2.22 36.45
N PHE B 192 3.44 1.21 35.70
CA PHE B 192 3.19 1.18 34.27
C PHE B 192 1.70 1.26 33.96
N ALA B 193 0.90 0.46 34.68
CA ALA B 193 -0.54 0.46 34.47
C ALA B 193 -1.16 1.80 34.83
N HIS B 194 -0.75 2.36 35.97
CA HIS B 194 -1.31 3.65 36.40
C HIS B 194 -0.97 4.75 35.40
N SER B 195 0.27 4.77 34.90
CA SER B 195 0.65 5.77 33.92
C SER B 195 -0.12 5.59 32.62
N SER B 196 -0.35 4.34 32.20
CA SER B 196 -1.12 4.11 30.98
C SER B 196 -2.57 4.58 31.14
N PHE B 197 -3.19 4.28 32.27
CA PHE B 197 -4.56 4.72 32.51
C PHE B 197 -4.65 6.24 32.56
N GLN B 198 -3.70 6.89 33.23
CA GLN B 198 -3.70 8.34 33.29
C GLN B 198 -3.48 8.96 31.93
N MET B 199 -2.61 8.36 31.11
CA MET B 199 -2.38 8.85 29.75
C MET B 199 -3.63 8.73 28.90
N ALA B 200 -4.33 7.59 29.01
CA ALA B 200 -5.57 7.42 28.25
C ALA B 200 -6.62 8.43 28.69
N LEU B 201 -6.76 8.65 30.00
CA LEU B 201 -7.70 9.67 30.48
C LEU B 201 -7.31 11.06 30.02
N SER B 202 -6.01 11.35 29.92
CA SER B 202 -5.57 12.67 29.48
C SER B 202 -5.85 12.89 28.00
N LYS B 203 -5.65 11.85 27.19
CA LYS B 203 -5.88 11.98 25.75
C LYS B 203 -7.34 11.74 25.35
N GLY B 204 -8.11 11.03 26.16
CA GLY B 204 -9.46 10.67 25.77
C GLY B 204 -9.46 9.66 24.66
N TRP B 205 -8.69 8.60 24.81
CA TRP B 205 -8.56 7.54 23.83
C TRP B 205 -8.56 6.20 24.53
N PRO B 206 -9.02 5.14 23.87
CA PRO B 206 -9.01 3.82 24.50
C PRO B 206 -7.60 3.30 24.71
N LEU B 207 -7.48 2.35 25.62
CA LEU B 207 -6.20 1.77 26.01
C LEU B 207 -6.20 0.28 25.71
N TYR B 208 -5.11 -0.20 25.12
CA TYR B 208 -4.91 -1.61 24.85
C TYR B 208 -3.58 -2.05 25.43
N LEU B 209 -3.58 -3.17 26.15
CA LEU B 209 -2.38 -3.78 26.67
C LEU B 209 -2.13 -5.09 25.95
N SER B 210 -0.98 -5.20 25.28
CA SER B 210 -0.65 -6.41 24.53
C SER B 210 0.28 -7.29 25.36
N THR B 211 -0.10 -8.57 25.49
CA THR B 211 0.77 -9.57 26.10
C THR B 211 0.70 -10.86 25.28
N LYS B 212 1.38 -11.89 25.78
CA LYS B 212 1.41 -13.22 25.20
C LYS B 212 1.03 -14.26 26.25
N ASN B 213 0.01 -13.95 27.05
CA ASN B 213 -0.32 -14.80 28.20
C ASN B 213 -0.94 -16.13 27.81
N THR B 214 -1.20 -16.37 26.52
CA THR B 214 -1.60 -17.71 26.10
C THR B 214 -0.43 -18.68 26.12
N ILE B 215 0.80 -18.18 26.08
CA ILE B 215 2.00 -18.99 26.15
C ILE B 215 2.68 -18.88 27.50
N LEU B 216 2.86 -17.65 27.99
CA LEU B 216 3.42 -17.41 29.32
C LEU B 216 2.27 -17.07 30.26
N LYS B 217 1.55 -18.12 30.67
CA LYS B 217 0.33 -17.94 31.46
C LYS B 217 0.60 -17.30 32.81
N LYS B 218 1.79 -17.54 33.39
CA LYS B 218 2.13 -16.96 34.68
C LYS B 218 2.84 -15.62 34.55
N TYR B 219 3.74 -15.50 33.58
CA TYR B 219 4.54 -14.28 33.44
C TYR B 219 3.69 -13.12 32.93
N ASP B 220 3.04 -13.29 31.78
CA ASP B 220 2.22 -12.22 31.21
C ASP B 220 0.84 -12.17 31.84
N GLY B 221 0.37 -13.29 32.39
CA GLY B 221 -0.86 -13.26 33.17
C GLY B 221 -0.78 -12.29 34.33
N ARG B 222 0.41 -12.09 34.87
CA ARG B 222 0.59 -11.11 35.94
C ARG B 222 0.30 -9.70 35.44
N PHE B 223 0.86 -9.34 34.28
CA PHE B 223 0.55 -8.06 33.66
C PHE B 223 -0.95 -7.91 33.46
N LYS B 224 -1.58 -8.92 32.86
CA LYS B 224 -3.01 -8.86 32.59
C LYS B 224 -3.81 -8.64 33.88
N ASP B 225 -3.48 -9.40 34.93
CA ASP B 225 -4.23 -9.33 36.17
C ASP B 225 -4.02 -8.00 36.87
N ILE B 226 -2.78 -7.49 36.91
CA ILE B 226 -2.52 -6.22 37.56
C ILE B 226 -3.26 -5.10 36.85
N PHE B 227 -3.17 -5.08 35.52
CA PHE B 227 -3.90 -4.07 34.75
C PHE B 227 -5.40 -4.14 35.02
N GLN B 228 -5.97 -5.35 35.00
CA GLN B 228 -7.41 -5.48 35.19
C GLN B 228 -7.83 -5.07 36.59
N GLU B 229 -7.06 -5.46 37.61
CA GLU B 229 -7.39 -5.09 38.98
C GLU B 229 -7.36 -3.59 39.16
N ILE B 230 -6.29 -2.93 38.68
CA ILE B 230 -6.20 -1.49 38.84
C ILE B 230 -7.30 -0.78 38.05
N TYR B 231 -7.63 -1.30 36.86
CA TYR B 231 -8.67 -0.69 36.05
C TYR B 231 -10.04 -0.79 36.73
N ASP B 232 -10.39 -1.99 37.20
CA ASP B 232 -11.68 -2.17 37.86
C ASP B 232 -11.76 -1.36 39.14
N LYS B 233 -10.66 -1.27 39.89
CA LYS B 233 -10.71 -0.62 41.19
C LYS B 233 -10.68 0.91 41.08
N GLN B 234 -9.97 1.47 40.10
CA GLN B 234 -9.64 2.90 40.14
C GLN B 234 -9.89 3.68 38.85
N TYR B 235 -10.28 3.04 37.74
CA TYR B 235 -10.42 3.79 36.50
C TYR B 235 -11.60 3.36 35.64
N LYS B 236 -12.40 2.37 36.05
CA LYS B 236 -13.48 1.87 35.21
C LYS B 236 -14.48 2.97 34.90
N SER B 237 -15.03 3.61 35.94
CA SER B 237 -16.06 4.62 35.72
C SER B 237 -15.49 5.89 35.10
N GLN B 238 -14.24 6.24 35.42
CA GLN B 238 -13.62 7.38 34.76
C GLN B 238 -13.47 7.14 33.26
N PHE B 239 -13.16 5.91 32.88
CA PHE B 239 -13.08 5.57 31.46
C PHE B 239 -14.46 5.59 30.82
N GLU B 240 -15.46 5.02 31.49
CA GLU B 240 -16.81 4.99 30.93
C GLU B 240 -17.39 6.40 30.78
N ALA B 241 -16.98 7.33 31.65
CA ALA B 241 -17.47 8.70 31.54
C ALA B 241 -17.02 9.36 30.24
N GLN B 242 -15.74 9.19 29.88
CA GLN B 242 -15.21 9.74 28.65
C GLN B 242 -15.50 8.87 27.43
N LYS B 243 -16.35 7.85 27.58
CA LYS B 243 -16.76 6.98 26.48
C LYS B 243 -15.57 6.25 25.86
N ILE B 244 -14.59 5.89 26.70
CA ILE B 244 -13.45 5.11 26.26
C ILE B 244 -13.40 3.81 27.07
N TRP B 245 -12.45 2.94 26.74
CA TRP B 245 -12.39 1.61 27.33
C TRP B 245 -10.94 1.17 27.46
N TYR B 246 -10.74 0.08 28.19
CA TYR B 246 -9.45 -0.61 28.26
C TYR B 246 -9.65 -2.07 27.90
N GLU B 247 -8.68 -2.63 27.18
CA GLU B 247 -8.75 -4.02 26.76
C GLU B 247 -7.37 -4.65 26.75
N HIS B 248 -7.30 -5.92 27.17
CA HIS B 248 -6.12 -6.74 26.98
C HIS B 248 -6.21 -7.45 25.64
N ARG B 249 -5.07 -7.62 24.99
CA ARG B 249 -5.00 -8.17 23.65
C ARG B 249 -3.76 -9.04 23.51
N LEU B 250 -3.89 -10.08 22.69
CA LEU B 250 -2.75 -10.84 22.23
C LEU B 250 -1.86 -9.95 21.37
N ILE B 251 -0.54 -10.10 21.51
CA ILE B 251 0.39 -9.26 20.76
C ILE B 251 0.19 -9.45 19.26
N ASP B 252 -0.14 -10.68 18.83
CA ASP B 252 -0.47 -10.94 17.43
C ASP B 252 -1.62 -10.05 16.97
N ASP B 253 -2.77 -10.18 17.64
CA ASP B 253 -3.95 -9.40 17.27
C ASP B 253 -3.68 -7.91 17.39
N MET B 254 -2.84 -7.49 18.34
CA MET B 254 -2.59 -6.07 18.51
C MET B 254 -1.78 -5.52 17.34
N VAL B 255 -0.74 -6.24 16.92
CA VAL B 255 0.05 -5.79 15.78
C VAL B 255 -0.80 -5.78 14.51
N ALA B 256 -1.62 -6.82 14.32
CA ALA B 256 -2.47 -6.87 13.12
C ALA B 256 -3.52 -5.76 13.15
N GLN B 257 -4.10 -5.49 14.32
CA GLN B 257 -5.07 -4.41 14.44
C GLN B 257 -4.43 -3.07 14.11
N ALA B 258 -3.26 -2.79 14.69
CA ALA B 258 -2.54 -1.57 14.34
C ALA B 258 -2.21 -1.53 12.86
N MET B 259 -2.01 -2.68 12.23
CA MET B 259 -1.83 -2.74 10.78
C MET B 259 -3.05 -2.19 10.07
N LYS B 260 -4.22 -2.78 10.32
CA LYS B 260 -5.42 -2.40 9.60
C LYS B 260 -6.26 -1.32 10.31
N SER B 261 -5.72 -0.69 11.35
CA SER B 261 -6.44 0.38 12.03
C SER B 261 -6.25 1.70 11.31
N GLU B 262 -6.93 2.74 11.83
CA GLU B 262 -6.71 4.10 11.39
C GLU B 262 -6.07 4.96 12.48
N GLY B 263 -5.84 4.39 13.65
CA GLY B 263 -5.19 5.08 14.75
C GLY B 263 -6.17 5.47 15.84
N GLY B 264 -5.68 6.30 16.76
CA GLY B 264 -6.51 6.85 17.80
C GLY B 264 -6.69 5.95 19.02
N PHE B 265 -5.59 5.38 19.52
CA PHE B 265 -5.65 4.60 20.74
C PHE B 265 -4.29 4.60 21.41
N ILE B 266 -4.29 4.37 22.72
CA ILE B 266 -3.08 4.22 23.50
C ILE B 266 -2.71 2.74 23.52
N TRP B 267 -1.44 2.44 23.24
CA TRP B 267 -0.96 1.06 23.15
C TRP B 267 0.18 0.89 24.16
N ALA B 268 -0.14 0.27 25.29
CA ALA B 268 0.88 -0.04 26.29
C ALA B 268 1.58 -1.35 25.91
N CYS B 269 2.91 -1.29 25.85
CA CYS B 269 3.72 -2.44 25.44
C CYS B 269 4.70 -2.82 26.54
N LYS B 270 5.04 -4.11 26.57
CA LYS B 270 6.17 -4.54 27.37
C LYS B 270 7.47 -3.99 26.78
N ASN B 271 8.58 -4.25 27.48
CA ASN B 271 9.87 -3.69 27.10
C ASN B 271 10.22 -4.03 25.66
N TYR B 272 10.26 -5.34 25.35
CA TYR B 272 10.67 -5.79 24.04
C TYR B 272 9.73 -5.28 22.95
N ASP B 273 8.42 -5.40 23.18
CA ASP B 273 7.44 -5.01 22.17
C ASP B 273 7.60 -3.55 21.77
N GLY B 274 7.49 -2.64 22.74
CA GLY B 274 7.57 -1.23 22.43
C GLY B 274 8.93 -0.82 21.90
N ASP B 275 10.00 -1.40 22.45
CA ASP B 275 11.34 -1.08 21.96
C ASP B 275 11.50 -1.46 20.50
N VAL B 276 10.96 -2.62 20.10
CA VAL B 276 11.02 -3.03 18.70
C VAL B 276 10.11 -2.14 17.84
N GLN B 277 8.97 -1.71 18.39
N GLN B 277 8.98 -1.70 18.39
CA GLN B 277 8.01 -0.95 17.61
CA GLN B 277 8.03 -0.95 17.58
C GLN B 277 8.54 0.44 17.26
C GLN B 277 8.54 0.46 17.26
N SER B 278 9.13 1.14 18.24
CA SER B 278 9.49 2.55 18.13
C SER B 278 9.99 3.02 16.76
N ASP B 279 11.09 2.43 16.28
CA ASP B 279 11.70 2.88 15.04
C ASP B 279 10.75 2.68 13.84
N SER B 280 10.10 1.51 13.78
CA SER B 280 9.21 1.23 12.66
C SER B 280 7.98 2.14 12.69
N VAL B 281 7.50 2.48 13.88
CA VAL B 281 6.36 3.40 13.99
C VAL B 281 6.75 4.79 13.49
N ALA B 282 7.91 5.28 13.95
CA ALA B 282 8.41 6.56 13.47
C ALA B 282 8.58 6.55 11.95
N GLN B 283 9.03 5.43 11.40
CA GLN B 283 9.18 5.34 9.95
C GLN B 283 7.83 5.32 9.24
N GLY B 284 6.85 4.62 9.80
CA GLY B 284 5.56 4.49 9.16
C GLY B 284 4.77 5.78 9.16
N TYR B 285 4.92 6.60 10.19
CA TYR B 285 4.20 7.87 10.18
C TYR B 285 4.91 8.95 9.37
N GLY B 286 6.19 8.77 9.05
CA GLY B 286 6.91 9.74 8.27
C GLY B 286 8.35 9.92 8.72
N SER B 287 8.70 11.13 9.11
CA SER B 287 10.04 11.44 9.56
C SER B 287 10.17 11.27 11.07
N LEU B 288 11.42 11.17 11.54
CA LEU B 288 11.66 11.05 12.97
C LEU B 288 11.44 12.38 13.69
N GLY B 289 11.65 13.50 13.01
CA GLY B 289 11.42 14.81 13.59
C GLY B 289 9.98 15.14 13.90
N MET B 290 9.06 14.23 13.62
CA MET B 290 7.65 14.39 13.95
C MET B 290 7.24 13.54 15.14
N MET B 291 8.19 12.95 15.85
CA MET B 291 7.93 12.00 16.91
C MET B 291 8.24 12.64 18.26
N THR B 292 7.24 12.73 19.12
CA THR B 292 7.39 13.29 20.46
C THR B 292 7.23 12.20 21.51
N SER B 293 7.75 12.47 22.71
CA SER B 293 7.62 11.57 23.84
C SER B 293 7.25 12.37 25.07
N VAL B 294 6.45 11.74 25.93
CA VAL B 294 5.98 12.33 27.17
C VAL B 294 6.20 11.31 28.29
N LEU B 295 6.91 11.72 29.33
CA LEU B 295 7.09 10.93 30.54
C LEU B 295 5.95 11.25 31.48
N VAL B 296 5.11 10.25 31.76
CA VAL B 296 3.91 10.41 32.58
C VAL B 296 4.06 9.57 33.84
N CYS B 297 3.90 10.20 34.99
CA CYS B 297 4.04 9.54 36.29
C CYS B 297 2.71 8.92 36.72
N PRO B 298 2.75 7.93 37.61
CA PRO B 298 1.50 7.28 38.04
C PRO B 298 0.51 8.22 38.71
N ASP B 299 0.99 9.23 39.43
CA ASP B 299 0.07 10.18 40.06
C ASP B 299 -0.68 11.02 39.05
N GLY B 300 -0.19 11.11 37.81
CA GLY B 300 -0.83 11.94 36.81
C GLY B 300 -0.56 13.42 36.95
N LYS B 301 0.28 13.82 37.91
CA LYS B 301 0.55 15.23 38.16
C LYS B 301 1.78 15.72 37.42
N THR B 302 2.86 14.94 37.42
CA THR B 302 4.14 15.39 36.87
C THR B 302 4.36 14.79 35.49
N VAL B 303 4.77 15.64 34.54
CA VAL B 303 4.92 15.28 33.14
C VAL B 303 6.21 15.89 32.61
N GLU B 304 6.95 15.11 31.80
CA GLU B 304 8.22 15.58 31.22
C GLU B 304 8.21 15.32 29.72
N ALA B 305 8.11 16.38 28.92
CA ALA B 305 8.02 16.25 27.48
C ALA B 305 9.38 16.43 26.82
N GLU B 306 9.59 15.71 25.72
CA GLU B 306 10.82 15.86 24.94
C GLU B 306 10.60 15.29 23.55
N ALA B 307 11.60 15.51 22.69
CA ALA B 307 11.61 14.91 21.37
C ALA B 307 11.98 13.43 21.48
N ALA B 308 11.38 12.61 20.61
CA ALA B 308 11.71 11.19 20.61
C ALA B 308 13.02 10.90 19.91
N HIS B 309 13.43 11.75 18.97
CA HIS B 309 14.69 11.57 18.28
C HIS B 309 15.85 12.04 19.16
N GLY B 310 17.06 11.99 18.60
CA GLY B 310 18.26 12.38 19.30
C GLY B 310 18.74 13.77 18.93
N THR B 311 20.01 14.04 19.22
CA THR B 311 20.61 15.35 19.00
C THR B 311 20.93 15.62 17.54
N VAL B 312 20.66 14.67 16.64
CA VAL B 312 20.92 14.80 15.21
C VAL B 312 22.37 15.20 14.98
N THR B 313 23.29 14.25 15.20
CA THR B 313 24.71 14.58 15.22
C THR B 313 25.24 14.96 13.84
N ARG B 314 24.75 14.30 12.78
CA ARG B 314 25.24 14.58 11.44
C ARG B 314 24.91 16.02 11.04
N HIS B 315 23.68 16.45 11.27
CA HIS B 315 23.30 17.83 10.98
C HIS B 315 24.13 18.81 11.81
N TYR B 316 24.51 18.43 13.03
CA TYR B 316 25.32 19.33 13.85
C TYR B 316 26.75 19.41 13.34
N ARG B 317 27.30 18.30 12.83
CA ARG B 317 28.60 18.37 12.17
C ARG B 317 28.54 19.28 10.96
N MET B 318 27.45 19.20 10.19
CA MET B 318 27.30 20.11 9.05
C MET B 318 27.17 21.56 9.51
N TYR B 319 26.50 21.78 10.65
CA TYR B 319 26.32 23.13 11.16
C TYR B 319 27.64 23.72 11.66
N GLN B 320 28.50 22.88 12.26
CA GLN B 320 29.79 23.35 12.74
C GLN B 320 30.66 23.86 11.60
N LYS B 321 30.68 23.14 10.48
CA LYS B 321 31.43 23.54 9.30
C LYS B 321 30.73 24.65 8.51
N GLY B 322 29.70 25.27 9.07
CA GLY B 322 29.01 26.35 8.41
C GLY B 322 28.15 25.96 7.22
N GLN B 323 27.88 24.67 7.04
CA GLN B 323 27.08 24.21 5.92
C GLN B 323 25.59 24.34 6.22
N GLU B 324 24.79 24.38 5.16
CA GLU B 324 23.35 24.53 5.28
C GLU B 324 22.71 23.25 5.77
N THR B 325 21.85 23.36 6.77
CA THR B 325 21.16 22.22 7.36
C THR B 325 19.65 22.42 7.26
N SER B 326 18.92 21.30 7.33
CA SER B 326 17.46 21.31 7.29
C SER B 326 16.95 20.35 8.37
N THR B 327 17.07 20.77 9.63
CA THR B 327 16.65 19.95 10.76
C THR B 327 15.20 20.26 11.13
N ASN B 328 14.43 19.20 11.39
CA ASN B 328 13.03 19.36 11.72
C ASN B 328 12.87 19.71 13.19
N PRO B 329 12.28 20.86 13.53
CA PRO B 329 12.10 21.24 14.94
C PRO B 329 10.75 20.90 15.54
N ILE B 330 9.88 20.18 14.82
CA ILE B 330 8.50 20.01 15.27
C ILE B 330 8.45 19.24 16.59
N ALA B 331 9.32 18.24 16.75
CA ALA B 331 9.28 17.43 17.96
C ALA B 331 9.67 18.25 19.19
N SER B 332 10.66 19.13 19.07
CA SER B 332 11.05 19.96 20.20
C SER B 332 10.00 21.03 20.50
N ILE B 333 9.45 21.64 19.45
CA ILE B 333 8.34 22.57 19.61
C ILE B 333 7.21 21.90 20.36
N PHE B 334 6.90 20.65 20.02
CA PHE B 334 5.80 19.96 20.67
C PHE B 334 6.16 19.52 22.08
N ALA B 335 7.44 19.28 22.35
CA ALA B 335 7.87 19.13 23.73
C ALA B 335 7.47 20.37 24.54
N TRP B 336 7.80 21.55 24.01
CA TRP B 336 7.44 22.79 24.69
C TRP B 336 5.93 22.93 24.84
N THR B 337 5.17 22.62 23.78
CA THR B 337 3.73 22.83 23.82
C THR B 337 3.05 21.84 24.75
N ARG B 338 3.52 20.59 24.81
CA ARG B 338 2.96 19.62 25.74
C ARG B 338 3.28 20.00 27.18
N GLY B 339 4.52 20.45 27.44
CA GLY B 339 4.84 20.94 28.77
C GLY B 339 3.93 22.10 29.18
N LEU B 340 3.76 23.08 28.30
CA LEU B 340 2.92 24.22 28.63
C LEU B 340 1.45 23.83 28.75
N ALA B 341 1.00 22.83 27.98
CA ALA B 341 -0.38 22.37 28.09
C ALA B 341 -0.63 21.71 29.44
N HIS B 342 0.30 20.86 29.89
CA HIS B 342 0.13 20.28 31.22
C HIS B 342 0.23 21.35 32.30
N ARG B 343 1.10 22.34 32.11
CA ARG B 343 1.20 23.45 33.04
C ARG B 343 -0.12 24.19 33.15
N ALA B 344 -0.75 24.47 32.01
CA ALA B 344 -2.02 25.18 32.00
C ALA B 344 -3.15 24.31 32.57
N LYS B 345 -3.05 22.99 32.39
CA LYS B 345 -4.07 22.11 32.97
C LYS B 345 -3.97 22.10 34.49
N LEU B 346 -2.75 22.02 35.04
CA LEU B 346 -2.59 22.02 36.49
C LEU B 346 -3.00 23.35 37.10
N ASP B 347 -2.72 24.46 36.42
CA ASP B 347 -2.97 25.79 36.95
C ASP B 347 -4.28 26.40 36.45
N ASN B 348 -5.08 25.64 35.68
CA ASN B 348 -6.34 26.14 35.14
C ASN B 348 -6.11 27.42 34.33
N ASN B 349 -5.00 27.47 33.60
CA ASN B 349 -4.57 28.67 32.88
C ASN B 349 -5.17 28.63 31.48
N LYS B 350 -6.26 29.38 31.31
CA LYS B 350 -6.96 29.43 30.02
C LYS B 350 -6.05 29.93 28.91
N GLU B 351 -5.35 31.04 29.17
CA GLU B 351 -4.57 31.69 28.12
C GLU B 351 -3.37 30.85 27.72
N LEU B 352 -2.70 30.20 28.68
CA LEU B 352 -1.55 29.37 28.35
C LEU B 352 -1.97 28.15 27.54
N ALA B 353 -3.10 27.54 27.88
CA ALA B 353 -3.62 26.43 27.09
C ALA B 353 -3.93 26.87 25.68
N PHE B 354 -4.58 28.03 25.54
CA PHE B 354 -4.85 28.56 24.20
C PHE B 354 -3.56 28.76 23.42
N PHE B 355 -2.52 29.30 24.07
CA PHE B 355 -1.26 29.56 23.38
C PHE B 355 -0.62 28.26 22.91
N ALA B 356 -0.59 27.25 23.78
CA ALA B 356 0.05 25.99 23.41
C ALA B 356 -0.67 25.34 22.23
N ASN B 357 -2.00 25.29 22.30
CA ASN B 357 -2.75 24.74 21.18
C ASN B 357 -2.54 25.56 19.92
N ALA B 358 -2.40 26.88 20.05
CA ALA B 358 -2.19 27.72 18.88
C ALA B 358 -0.83 27.47 18.25
N LEU B 359 0.20 27.23 19.08
CA LEU B 359 1.51 26.93 18.53
C LEU B 359 1.52 25.59 17.80
N GLU B 360 0.85 24.58 18.37
CA GLU B 360 0.72 23.32 17.67
C GLU B 360 -0.02 23.48 16.34
N GLU B 361 -1.11 24.25 16.35
CA GLU B 361 -1.87 24.51 15.12
C GLU B 361 -1.00 25.22 14.09
N VAL B 362 -0.21 26.20 14.52
CA VAL B 362 0.64 26.94 13.59
C VAL B 362 1.66 26.02 12.95
N SER B 363 2.27 25.15 13.76
CA SER B 363 3.23 24.19 13.20
C SER B 363 2.56 23.32 12.13
N ILE B 364 1.43 22.70 12.48
CA ILE B 364 0.78 21.78 11.55
C ILE B 364 0.34 22.51 10.28
N GLU B 365 -0.23 23.71 10.43
CA GLU B 365 -0.71 24.46 9.28
C GLU B 365 0.43 24.93 8.40
N THR B 366 1.55 25.37 9.00
CA THR B 366 2.71 25.78 8.22
C THR B 366 3.23 24.64 7.38
N ILE B 367 3.33 23.43 7.97
CA ILE B 367 3.76 22.29 7.17
C ILE B 367 2.74 21.98 6.09
N GLU B 368 1.45 21.98 6.43
CA GLU B 368 0.42 21.64 5.46
C GLU B 368 0.32 22.65 4.33
N ALA B 369 0.81 23.86 4.53
CA ALA B 369 0.80 24.87 3.47
C ALA B 369 1.91 24.68 2.45
N GLY B 370 2.78 23.69 2.65
CA GLY B 370 3.88 23.42 1.73
C GLY B 370 5.24 23.88 2.19
N PHE B 371 5.35 24.44 3.39
CA PHE B 371 6.61 24.92 3.94
C PHE B 371 7.10 23.89 4.96
N MET B 372 8.16 23.17 4.61
CA MET B 372 8.62 22.06 5.41
C MET B 372 10.13 21.94 5.29
N THR B 373 10.71 21.15 6.18
CA THR B 373 12.14 20.85 6.10
C THR B 373 12.36 19.69 5.13
N LYS B 374 13.64 19.32 4.96
CA LYS B 374 14.00 18.40 3.89
C LYS B 374 13.42 17.00 4.10
N ASP B 375 13.24 16.58 5.35
CA ASP B 375 12.74 15.23 5.62
C ASP B 375 11.29 15.08 5.17
N LEU B 376 10.45 16.06 5.46
CA LEU B 376 9.06 15.99 5.01
C LEU B 376 8.97 16.13 3.50
N ALA B 377 9.83 16.97 2.91
CA ALA B 377 9.88 17.07 1.46
C ALA B 377 10.26 15.74 0.83
N ALA B 378 11.15 14.98 1.47
CA ALA B 378 11.50 13.66 0.97
C ALA B 378 10.35 12.67 1.20
N CYS B 379 9.60 12.83 2.29
CA CYS B 379 8.41 12.03 2.48
C CYS B 379 7.42 12.22 1.33
N ILE B 380 7.31 13.46 0.83
CA ILE B 380 6.38 13.73 -0.27
C ILE B 380 6.97 13.25 -1.60
N LYS B 381 8.15 13.74 -1.95
CA LYS B 381 8.72 13.55 -3.29
C LYS B 381 9.60 12.31 -3.41
N GLY B 382 10.18 11.83 -2.31
CA GLY B 382 11.21 10.81 -2.39
C GLY B 382 12.57 11.45 -2.42
N LEU B 383 13.49 10.97 -1.56
CA LEU B 383 14.79 11.60 -1.38
C LEU B 383 15.52 11.94 -2.67
N PRO B 384 15.64 11.03 -3.66
CA PRO B 384 16.37 11.40 -4.88
C PRO B 384 15.73 12.53 -5.67
N ASN B 385 14.41 12.70 -5.57
CA ASN B 385 13.69 13.68 -6.36
C ASN B 385 13.52 15.02 -5.65
N VAL B 386 14.21 15.23 -4.54
CA VAL B 386 14.05 16.44 -3.74
C VAL B 386 15.06 17.48 -4.22
N GLN B 387 14.55 18.62 -4.66
CA GLN B 387 15.38 19.76 -5.05
C GLN B 387 15.35 20.82 -3.95
N ARG B 388 16.29 21.76 -4.04
CA ARG B 388 16.43 22.77 -3.00
C ARG B 388 15.18 23.62 -2.86
N SER B 389 14.44 23.81 -3.95
CA SER B 389 13.22 24.63 -3.90
C SER B 389 12.07 23.96 -3.17
N ASP B 390 12.17 22.66 -2.88
CA ASP B 390 11.07 21.93 -2.26
C ASP B 390 10.99 22.11 -0.75
N TYR B 391 12.02 22.66 -0.11
CA TYR B 391 12.05 22.74 1.34
C TYR B 391 12.78 24.02 1.77
N LEU B 392 12.74 24.26 3.09
CA LEU B 392 13.46 25.36 3.70
C LEU B 392 14.52 24.81 4.64
N ASN B 393 15.56 25.60 4.88
CA ASN B 393 16.57 25.18 5.83
C ASN B 393 16.07 25.42 7.25
N THR B 394 16.94 25.17 8.23
CA THR B 394 16.52 25.24 9.64
C THR B 394 16.04 26.63 10.01
N PHE B 395 16.87 27.65 9.76
CA PHE B 395 16.55 29.00 10.20
C PHE B 395 15.40 29.59 9.38
N GLU B 396 15.35 29.28 8.08
CA GLU B 396 14.21 29.73 7.27
C GLU B 396 12.91 29.16 7.79
N PHE B 397 12.90 27.87 8.14
CA PHE B 397 11.69 27.24 8.66
C PHE B 397 11.29 27.84 10.00
N MET B 398 12.27 28.08 10.88
CA MET B 398 11.96 28.71 12.16
C MET B 398 11.39 30.11 11.99
N ASP B 399 11.94 30.88 11.04
CA ASP B 399 11.43 32.22 10.81
C ASP B 399 10.02 32.19 10.24
N LYS B 400 9.74 31.26 9.32
CA LYS B 400 8.39 31.12 8.79
C LYS B 400 7.40 30.75 9.90
N LEU B 401 7.80 29.84 10.78
CA LEU B 401 6.96 29.49 11.93
C LEU B 401 6.69 30.71 12.81
N GLY B 402 7.72 31.51 13.08
CA GLY B 402 7.53 32.70 13.89
C GLY B 402 6.57 33.69 13.25
N GLU B 403 6.72 33.90 11.93
CA GLU B 403 5.81 34.80 11.22
C GLU B 403 4.37 34.32 11.34
N ASN B 404 4.13 33.04 11.04
CA ASN B 404 2.76 32.52 11.09
C ASN B 404 2.20 32.54 12.51
N LEU B 405 3.05 32.32 13.52
CA LEU B 405 2.58 32.37 14.90
C LEU B 405 2.18 33.79 15.30
N LYS B 406 3.01 34.78 14.94
CA LYS B 406 2.64 36.17 15.18
C LYS B 406 1.32 36.50 14.51
N ILE B 407 1.14 36.06 13.25
CA ILE B 407 -0.10 36.34 12.53
C ILE B 407 -1.29 35.73 13.27
N LYS B 408 -1.16 34.47 13.69
CA LYS B 408 -2.28 33.79 14.34
C LYS B 408 -2.66 34.48 15.65
N LEU B 409 -1.66 34.80 16.47
CA LEU B 409 -1.97 35.41 17.77
C LEU B 409 -2.51 36.84 17.61
N ALA B 410 -1.98 37.58 16.63
CA ALA B 410 -2.49 38.91 16.37
C ALA B 410 -3.93 38.88 15.88
N GLN B 411 -4.28 37.89 15.07
CA GLN B 411 -5.67 37.74 14.64
C GLN B 411 -6.56 37.20 15.76
N ALA B 412 -5.98 36.48 16.72
CA ALA B 412 -6.76 36.05 17.87
C ALA B 412 -7.12 37.23 18.76
N LYS B 413 -6.17 38.14 18.98
CA LYS B 413 -6.52 39.36 19.70
C LYS B 413 -7.44 40.25 18.88
N LEU B 414 -7.20 40.32 17.57
CA LEU B 414 -7.98 41.20 16.70
C LEU B 414 -9.46 40.84 16.73
N SER B 415 -9.78 39.54 16.80
CA SER B 415 -11.15 39.08 16.90
C SER B 415 -11.81 39.67 18.14
N LEU B 416 -11.32 39.23 19.31
CA LEU B 416 -11.56 39.80 20.65
C LEU B 416 -11.34 38.69 21.68
N ILE C 5 -7.89 21.28 -4.02
CA ILE C 5 -7.89 19.96 -4.64
C ILE C 5 -6.63 19.77 -5.48
N SER C 6 -5.86 18.74 -5.16
CA SER C 6 -4.65 18.45 -5.92
C SER C 6 -5.00 17.85 -7.27
N GLY C 7 -4.34 18.33 -8.32
CA GLY C 7 -4.60 17.86 -9.66
C GLY C 7 -3.59 16.86 -10.16
N GLY C 8 -2.44 17.34 -10.60
CA GLY C 8 -1.39 16.46 -11.11
C GLY C 8 -0.45 17.15 -12.07
N SER C 9 -0.42 16.68 -13.33
CA SER C 9 0.45 17.25 -14.37
C SER C 9 -0.32 17.23 -15.69
N VAL C 10 -1.18 18.23 -15.88
CA VAL C 10 -2.00 18.36 -17.07
C VAL C 10 -1.29 19.30 -18.05
N VAL C 11 -1.44 19.03 -19.34
CA VAL C 11 -0.87 19.84 -20.39
C VAL C 11 -1.98 20.65 -21.04
N GLU C 12 -1.77 21.96 -21.16
CA GLU C 12 -2.75 22.86 -21.74
C GLU C 12 -2.27 23.35 -23.10
N MET C 13 -3.21 23.62 -24.00
CA MET C 13 -2.91 24.10 -25.34
C MET C 13 -3.93 25.17 -25.70
N GLN C 14 -3.50 26.43 -25.70
CA GLN C 14 -4.39 27.53 -26.04
C GLN C 14 -4.70 27.53 -27.53
N GLY C 15 -5.90 28.01 -27.87
CA GLY C 15 -6.37 27.94 -29.24
C GLY C 15 -6.66 29.27 -29.89
N ASP C 16 -7.64 29.30 -30.80
CA ASP C 16 -7.93 30.45 -31.62
C ASP C 16 -9.39 30.89 -31.49
N GLU C 17 -9.62 32.16 -31.78
CA GLU C 17 -10.94 32.75 -32.03
C GLU C 17 -11.80 32.60 -30.76
N MET C 18 -13.08 32.23 -30.90
CA MET C 18 -14.01 32.25 -29.77
C MET C 18 -13.60 31.25 -28.70
N THR C 19 -13.19 30.05 -29.12
CA THR C 19 -12.83 29.00 -28.17
C THR C 19 -11.64 29.42 -27.29
N ARG C 20 -10.82 30.37 -27.75
CA ARG C 20 -9.72 30.87 -26.92
C ARG C 20 -10.26 31.57 -25.67
N ILE C 21 -11.15 32.55 -25.87
CA ILE C 21 -11.73 33.26 -24.74
C ILE C 21 -12.60 32.32 -23.91
N ILE C 22 -13.30 31.39 -24.56
CA ILE C 22 -14.10 30.42 -23.83
C ILE C 22 -13.20 29.56 -22.94
N TRP C 23 -12.04 29.18 -23.45
CA TRP C 23 -11.07 28.39 -22.69
C TRP C 23 -10.59 29.16 -21.47
N GLU C 24 -10.19 30.42 -21.67
CA GLU C 24 -9.71 31.21 -20.55
C GLU C 24 -10.83 31.46 -19.53
N LEU C 25 -12.07 31.58 -19.98
CA LEU C 25 -13.19 31.75 -19.06
C LEU C 25 -13.46 30.49 -18.24
N ILE C 26 -13.37 29.32 -18.89
CA ILE C 26 -13.52 28.06 -18.17
C ILE C 26 -12.42 27.92 -17.13
N LYS C 27 -11.19 28.32 -17.49
CA LYS C 27 -10.12 28.28 -16.50
C LYS C 27 -10.38 29.24 -15.36
N GLU C 28 -10.90 30.43 -15.66
CA GLU C 28 -11.12 31.44 -14.62
C GLU C 28 -12.21 31.01 -13.64
N LYS C 29 -13.34 30.52 -14.14
CA LYS C 29 -14.52 30.34 -13.30
C LYS C 29 -14.81 28.89 -12.93
N LEU C 30 -14.23 27.90 -13.62
CA LEU C 30 -14.58 26.51 -13.39
C LEU C 30 -13.41 25.62 -12.99
N ILE C 31 -12.17 26.11 -13.06
CA ILE C 31 -11.01 25.26 -12.81
C ILE C 31 -10.17 25.84 -11.67
N PHE C 32 -9.65 27.04 -11.88
CA PHE C 32 -8.74 27.64 -10.90
C PHE C 32 -9.34 27.82 -9.50
N PRO C 33 -10.61 28.23 -9.32
CA PRO C 33 -11.07 28.48 -7.94
C PRO C 33 -11.00 27.28 -7.02
N TYR C 34 -11.22 26.06 -7.52
CA TYR C 34 -11.26 24.88 -6.68
C TYR C 34 -10.08 23.94 -6.86
N VAL C 35 -9.45 23.93 -8.03
CA VAL C 35 -8.35 23.03 -8.34
C VAL C 35 -7.16 23.82 -8.84
N GLU C 36 -5.99 23.55 -8.27
CA GLU C 36 -4.74 24.10 -8.76
C GLU C 36 -3.74 22.95 -8.90
N LEU C 37 -3.15 22.81 -10.09
CA LEU C 37 -2.33 21.65 -10.41
C LEU C 37 -0.92 22.04 -10.80
N ASP C 38 -0.48 21.56 -11.98
CA ASP C 38 0.85 21.87 -12.53
C ASP C 38 0.68 22.02 -14.03
N LEU C 39 0.50 23.26 -14.48
CA LEU C 39 0.23 23.54 -15.88
C LEU C 39 1.49 23.38 -16.73
N HIS C 40 1.32 22.85 -17.94
CA HIS C 40 2.34 22.83 -18.97
C HIS C 40 1.77 23.49 -20.22
N SER C 41 1.41 24.76 -20.11
CA SER C 41 0.72 25.46 -21.17
C SER C 41 1.62 25.65 -22.38
N TYR C 42 1.08 25.41 -23.56
CA TYR C 42 1.77 25.65 -24.83
C TYR C 42 0.85 26.46 -25.73
N ASP C 43 1.30 27.67 -26.06
CA ASP C 43 0.50 28.57 -26.90
C ASP C 43 0.39 27.98 -28.29
N LEU C 44 -0.72 27.28 -28.56
CA LEU C 44 -0.99 26.73 -29.88
C LEU C 44 -1.91 27.59 -30.71
N GLY C 45 -2.29 28.76 -30.21
CA GLY C 45 -2.95 29.73 -31.07
C GLY C 45 -2.06 30.11 -32.24
N ILE C 46 -2.68 30.52 -33.34
CA ILE C 46 -1.96 30.81 -34.57
C ILE C 46 -0.91 31.91 -34.39
N GLU C 47 -0.95 32.63 -33.26
CA GLU C 47 0.09 33.61 -32.96
C GLU C 47 1.44 32.94 -32.78
N ASN C 48 1.52 31.97 -31.86
CA ASN C 48 2.77 31.29 -31.58
C ASN C 48 3.07 30.17 -32.56
N ARG C 49 2.03 29.60 -33.20
CA ARG C 49 2.27 28.56 -34.20
C ARG C 49 3.11 29.09 -35.36
N ASP C 50 2.68 30.21 -35.95
CA ASP C 50 3.40 30.79 -37.07
C ASP C 50 4.70 31.47 -36.65
N ALA C 51 4.94 31.63 -35.35
CA ALA C 51 6.17 32.24 -34.88
C ALA C 51 7.33 31.24 -34.93
N THR C 52 7.21 30.13 -34.20
CA THR C 52 8.25 29.11 -34.16
C THR C 52 8.18 28.15 -35.34
N ASN C 53 7.39 28.47 -36.37
CA ASN C 53 7.25 27.62 -37.56
C ASN C 53 6.79 26.21 -37.19
N ASP C 54 5.83 26.14 -36.26
CA ASP C 54 5.16 24.90 -35.87
C ASP C 54 6.08 23.93 -35.14
N GLN C 55 7.09 24.45 -34.45
CA GLN C 55 7.90 23.60 -33.57
C GLN C 55 7.22 23.40 -32.22
N VAL C 56 6.47 24.41 -31.77
CA VAL C 56 5.78 24.34 -30.49
C VAL C 56 4.74 23.24 -30.48
N THR C 57 4.14 22.95 -31.64
CA THR C 57 3.14 21.89 -31.70
C THR C 57 3.77 20.53 -31.41
N LYS C 58 4.89 20.22 -32.07
CA LYS C 58 5.57 18.95 -31.84
C LYS C 58 6.13 18.89 -30.42
N ASP C 59 6.61 20.02 -29.91
CA ASP C 59 7.10 20.04 -28.53
C ASP C 59 5.97 19.75 -27.54
N ALA C 60 4.78 20.32 -27.78
CA ALA C 60 3.64 20.06 -26.90
C ALA C 60 3.19 18.61 -27.00
N ALA C 61 3.23 18.04 -28.20
CA ALA C 61 2.86 16.63 -28.35
C ALA C 61 3.85 15.73 -27.61
N GLU C 62 5.15 16.07 -27.66
CA GLU C 62 6.12 15.31 -26.89
C GLU C 62 5.89 15.47 -25.39
N ALA C 63 5.48 16.67 -24.97
CA ALA C 63 5.15 16.88 -23.55
C ALA C 63 3.97 16.02 -23.13
N ILE C 64 2.98 15.86 -24.02
CA ILE C 64 1.87 14.97 -23.72
C ILE C 64 2.35 13.52 -23.64
N LYS C 65 3.24 13.12 -24.56
CA LYS C 65 3.88 11.82 -24.46
C LYS C 65 4.51 11.62 -23.09
N LYS C 66 5.10 12.68 -22.55
CA LYS C 66 5.72 12.59 -21.22
C LYS C 66 4.67 12.44 -20.13
N HIS C 67 3.78 13.41 -19.99
CA HIS C 67 2.88 13.50 -18.84
C HIS C 67 1.57 12.75 -19.02
N ASN C 68 1.35 12.10 -20.16
CA ASN C 68 0.26 11.14 -20.41
C ASN C 68 -1.13 11.75 -20.45
N VAL C 69 -1.28 13.07 -20.37
CA VAL C 69 -2.60 13.68 -20.46
C VAL C 69 -2.49 15.14 -20.87
N GLY C 70 -3.21 15.53 -21.91
CA GLY C 70 -3.20 16.91 -22.37
C GLY C 70 -4.51 17.34 -23.00
N VAL C 71 -5.01 18.51 -22.61
CA VAL C 71 -6.24 19.06 -23.15
C VAL C 71 -5.88 20.14 -24.17
N LYS C 72 -6.71 20.24 -25.21
CA LYS C 72 -6.42 21.12 -26.33
C LYS C 72 -7.62 21.99 -26.67
N CYS C 73 -7.35 23.25 -26.99
CA CYS C 73 -8.34 24.16 -27.54
C CYS C 73 -8.30 24.09 -29.06
N ALA C 74 -9.42 24.42 -29.69
CA ALA C 74 -9.54 24.30 -31.14
C ALA C 74 -8.51 25.17 -31.85
N THR C 75 -7.98 24.67 -32.96
CA THR C 75 -6.97 25.36 -33.75
C THR C 75 -7.47 25.52 -35.19
N ILE C 76 -6.76 26.36 -35.94
CA ILE C 76 -7.14 26.73 -37.30
C ILE C 76 -6.33 25.93 -38.29
N THR C 77 -6.99 25.35 -39.28
CA THR C 77 -6.32 24.61 -40.35
C THR C 77 -6.25 25.46 -41.62
N LYS C 81 -8.33 30.85 -48.57
CA LYS C 81 -8.69 32.17 -48.08
C LYS C 81 -8.18 32.40 -46.66
N ARG C 82 -7.88 31.31 -45.95
CA ARG C 82 -7.35 31.43 -44.60
C ARG C 82 -5.85 31.66 -44.58
N VAL C 83 -5.13 31.16 -45.59
CA VAL C 83 -3.68 31.34 -45.64
C VAL C 83 -3.34 32.78 -45.99
N GLU C 84 -3.86 33.26 -47.11
CA GLU C 84 -3.68 34.65 -47.53
C GLU C 84 -4.62 35.53 -46.72
N GLU C 85 -4.29 35.69 -45.43
CA GLU C 85 -5.17 36.40 -44.52
C GLU C 85 -4.40 36.97 -43.33
N PHE C 86 -4.30 36.19 -42.25
CA PHE C 86 -3.71 36.67 -41.00
C PHE C 86 -2.18 36.62 -41.02
N LYS C 87 -1.57 37.14 -42.08
CA LYS C 87 -0.11 37.26 -42.17
C LYS C 87 0.59 35.92 -41.97
N LEU C 88 0.04 34.87 -42.58
CA LEU C 88 0.61 33.55 -42.43
C LEU C 88 1.82 33.35 -43.35
N LYS C 89 2.70 32.44 -42.94
CA LYS C 89 3.89 32.12 -43.72
C LYS C 89 3.64 30.95 -44.67
N GLN C 90 3.15 29.83 -44.15
CA GLN C 90 2.95 28.61 -44.91
C GLN C 90 1.49 28.16 -44.82
N MET C 91 1.13 27.23 -45.70
CA MET C 91 -0.16 26.56 -45.65
C MET C 91 0.02 25.31 -44.78
N TRP C 92 0.03 25.54 -43.48
CA TRP C 92 0.44 24.51 -42.53
C TRP C 92 -0.56 23.36 -42.49
N LYS C 93 -0.08 22.21 -42.00
CA LYS C 93 -0.93 21.06 -41.75
C LYS C 93 -1.73 21.27 -40.47
N SER C 94 -2.74 20.43 -40.28
CA SER C 94 -3.57 20.53 -39.09
C SER C 94 -2.80 19.99 -37.88
N PRO C 95 -2.86 20.67 -36.73
CA PRO C 95 -2.17 20.16 -35.53
C PRO C 95 -2.71 18.83 -35.05
N ASN C 96 -3.97 18.52 -35.36
CA ASN C 96 -4.55 17.25 -34.92
C ASN C 96 -3.84 16.08 -35.57
N GLY C 97 -3.63 16.13 -36.89
CA GLY C 97 -2.87 15.10 -37.55
C GLY C 97 -1.43 15.03 -37.09
N THR C 98 -0.86 16.18 -36.69
CA THR C 98 0.48 16.20 -36.15
C THR C 98 0.55 15.42 -34.84
N ILE C 99 -0.37 15.70 -33.91
CA ILE C 99 -0.38 14.97 -32.66
C ILE C 99 -0.74 13.50 -32.90
N ARG C 100 -1.50 13.21 -33.95
CA ARG C 100 -1.74 11.83 -34.35
C ARG C 100 -0.44 11.12 -34.71
N ASN C 101 0.33 11.72 -35.61
CA ASN C 101 1.56 11.11 -36.11
C ASN C 101 2.74 11.26 -35.15
N ILE C 102 2.57 11.94 -34.02
CA ILE C 102 3.57 11.95 -32.97
C ILE C 102 3.20 11.01 -31.82
N LEU C 103 1.91 10.93 -31.46
CA LEU C 103 1.46 10.07 -30.38
C LEU C 103 1.06 8.68 -30.85
N GLY C 104 0.32 8.60 -31.95
CA GLY C 104 -0.08 7.31 -32.51
C GLY C 104 -1.27 6.68 -31.80
N GLY C 105 -2.39 7.39 -31.77
CA GLY C 105 -3.60 6.92 -31.15
C GLY C 105 -4.80 6.95 -32.08
N THR C 106 -5.91 6.45 -31.57
CA THR C 106 -7.19 6.44 -32.27
C THR C 106 -8.13 7.45 -31.65
N VAL C 107 -8.91 8.14 -32.49
CA VAL C 107 -9.84 9.16 -32.03
C VAL C 107 -11.21 8.53 -31.84
N PHE C 108 -11.80 8.78 -30.68
CA PHE C 108 -13.15 8.32 -30.34
C PHE C 108 -14.03 9.55 -30.13
N ARG C 109 -15.10 9.64 -30.90
CA ARG C 109 -16.06 10.74 -30.78
C ARG C 109 -17.26 10.26 -29.98
N GLU C 110 -17.63 11.04 -28.96
CA GLU C 110 -18.71 10.72 -28.05
C GLU C 110 -19.58 11.95 -27.85
N ALA C 111 -20.89 11.77 -27.90
CA ALA C 111 -21.84 12.85 -27.65
C ALA C 111 -22.14 12.96 -26.16
N ILE C 112 -22.69 14.11 -25.78
CA ILE C 112 -23.06 14.39 -24.40
C ILE C 112 -24.59 14.47 -24.34
N ILE C 113 -25.17 13.62 -23.50
CA ILE C 113 -26.61 13.35 -23.53
C ILE C 113 -27.33 14.24 -22.52
N CYS C 114 -28.48 14.77 -22.93
CA CYS C 114 -29.40 15.48 -22.05
C CYS C 114 -30.82 14.98 -22.33
N LYS C 115 -31.62 14.88 -21.28
CA LYS C 115 -32.98 14.35 -21.43
C LYS C 115 -33.85 15.29 -22.27
N ASN C 116 -33.71 16.59 -22.07
CA ASN C 116 -34.58 17.58 -22.69
C ASN C 116 -34.15 17.96 -24.11
N ILE C 117 -33.26 17.19 -24.74
CA ILE C 117 -32.83 17.47 -26.10
C ILE C 117 -33.30 16.34 -27.01
N PRO C 118 -34.40 16.53 -27.76
CA PRO C 118 -34.82 15.49 -28.71
C PRO C 118 -33.75 15.27 -29.78
N ARG C 119 -33.81 14.08 -30.38
CA ARG C 119 -32.82 13.66 -31.36
C ARG C 119 -33.51 13.09 -32.58
N LEU C 120 -32.81 13.14 -33.72
CA LEU C 120 -33.36 12.61 -34.97
C LEU C 120 -33.70 11.13 -34.83
N VAL C 121 -32.82 10.36 -34.21
CA VAL C 121 -33.08 8.97 -33.85
C VAL C 121 -33.55 9.00 -32.40
N SER C 122 -34.87 9.02 -32.21
CA SER C 122 -35.46 9.21 -30.88
C SER C 122 -35.40 7.97 -30.00
N GLY C 123 -34.64 6.96 -30.39
CA GLY C 123 -34.50 5.77 -29.57
C GLY C 123 -33.15 5.68 -28.91
N TRP C 124 -32.24 6.59 -29.26
CA TRP C 124 -30.87 6.58 -28.73
C TRP C 124 -30.88 7.17 -27.33
N VAL C 125 -30.86 6.29 -26.33
CA VAL C 125 -30.78 6.72 -24.93
C VAL C 125 -29.35 6.92 -24.49
N LYS C 126 -28.50 5.91 -24.69
CA LYS C 126 -27.09 5.97 -24.34
C LYS C 126 -26.26 6.41 -25.54
N PRO C 127 -25.08 6.99 -25.30
CA PRO C 127 -24.29 7.51 -26.41
C PRO C 127 -23.65 6.39 -27.23
N ILE C 128 -23.41 6.69 -28.49
CA ILE C 128 -22.73 5.78 -29.41
C ILE C 128 -21.35 6.38 -29.68
N ILE C 129 -20.34 5.83 -29.02
CA ILE C 129 -18.97 6.30 -29.20
C ILE C 129 -18.38 5.62 -30.43
N ILE C 130 -17.80 6.42 -31.33
CA ILE C 130 -17.28 5.92 -32.59
C ILE C 130 -15.76 6.10 -32.62
N GLY C 131 -15.05 4.99 -32.86
CA GLY C 131 -13.61 5.01 -32.97
C GLY C 131 -13.19 4.96 -34.43
N HIS C 132 -12.29 5.88 -34.81
CA HIS C 132 -11.96 6.13 -36.20
C HIS C 132 -10.50 5.76 -36.46
N HIS C 133 -10.29 4.75 -37.29
CA HIS C 133 -8.94 4.34 -37.72
C HIS C 133 -8.54 5.21 -38.91
N ALA C 134 -7.92 6.34 -38.61
CA ALA C 134 -7.64 7.37 -39.63
C ALA C 134 -6.27 7.16 -40.27
N TYR C 135 -6.11 6.02 -40.93
CA TYR C 135 -4.89 5.74 -41.67
C TYR C 135 -5.19 4.78 -42.82
N GLY C 136 -4.56 5.04 -43.96
CA GLY C 136 -4.64 4.14 -45.09
C GLY C 136 -6.01 4.10 -45.75
N ASP C 137 -6.26 2.97 -46.40
CA ASP C 137 -7.49 2.72 -47.17
C ASP C 137 -7.59 3.81 -48.23
N GLN C 138 -8.75 4.47 -48.40
CA GLN C 138 -8.90 5.44 -49.47
C GLN C 138 -8.10 6.72 -49.24
N TYR C 139 -7.68 6.98 -48.01
CA TYR C 139 -7.10 8.26 -47.65
C TYR C 139 -5.59 8.35 -47.88
N ARG C 140 -4.96 7.24 -48.26
CA ARG C 140 -3.60 7.25 -48.77
C ARG C 140 -3.52 6.43 -50.04
N ALA C 141 -4.61 6.38 -50.79
CA ALA C 141 -4.70 5.59 -52.00
C ALA C 141 -4.09 6.32 -53.18
N THR C 142 -3.88 5.57 -54.26
CA THR C 142 -3.38 6.11 -55.53
C THR C 142 -4.43 5.79 -56.59
N ASP C 143 -5.15 6.82 -57.03
CA ASP C 143 -6.20 6.67 -58.02
C ASP C 143 -5.82 7.42 -59.29
N PHE C 144 -6.21 6.87 -60.43
CA PHE C 144 -5.87 7.44 -61.71
C PHE C 144 -6.97 7.15 -62.72
N VAL C 145 -7.03 8.01 -63.73
CA VAL C 145 -7.95 7.83 -64.85
C VAL C 145 -7.30 6.91 -65.87
N VAL C 146 -8.06 5.91 -66.33
CA VAL C 146 -7.62 5.02 -67.41
C VAL C 146 -8.07 5.64 -68.73
N PRO C 147 -7.16 6.19 -69.53
CA PRO C 147 -7.58 6.96 -70.71
C PRO C 147 -8.11 6.11 -71.86
N GLY C 148 -7.78 4.81 -71.89
CA GLY C 148 -8.21 3.96 -72.97
C GLY C 148 -7.89 2.51 -72.72
N PRO C 149 -8.06 1.67 -73.74
CA PRO C 149 -7.84 0.22 -73.57
C PRO C 149 -6.42 -0.08 -73.11
N GLY C 150 -6.30 -1.01 -72.18
CA GLY C 150 -5.01 -1.37 -71.62
C GLY C 150 -5.19 -2.17 -70.36
N LYS C 151 -4.07 -2.72 -69.88
CA LYS C 151 -4.08 -3.55 -68.69
C LYS C 151 -3.82 -2.73 -67.44
N VAL C 152 -4.61 -2.96 -66.40
CA VAL C 152 -4.37 -2.45 -65.07
C VAL C 152 -4.07 -3.64 -64.17
N GLU C 153 -2.87 -3.66 -63.60
CA GLU C 153 -2.40 -4.73 -62.74
C GLU C 153 -1.81 -4.12 -61.48
N ILE C 154 -1.93 -4.85 -60.37
CA ILE C 154 -1.28 -4.50 -59.12
C ILE C 154 -0.34 -5.63 -58.74
N THR C 155 0.89 -5.29 -58.38
CA THR C 155 1.92 -6.28 -58.11
C THR C 155 2.48 -6.10 -56.70
N TYR C 156 2.97 -7.20 -56.14
CA TYR C 156 3.71 -7.20 -54.89
C TYR C 156 5.09 -7.78 -55.13
N THR C 157 6.11 -7.01 -54.82
CA THR C 157 7.51 -7.45 -54.99
C THR C 157 8.17 -7.50 -53.63
N PRO C 158 8.54 -8.68 -53.12
CA PRO C 158 9.27 -8.75 -51.85
C PRO C 158 10.54 -7.91 -51.90
N SER C 159 10.94 -7.41 -50.73
CA SER C 159 12.05 -6.45 -50.67
C SER C 159 13.37 -7.05 -51.15
N ASP C 160 13.49 -8.38 -51.15
CA ASP C 160 14.68 -9.00 -51.72
C ASP C 160 14.68 -8.99 -53.25
N GLY C 161 13.57 -8.58 -53.86
CA GLY C 161 13.49 -8.41 -55.30
C GLY C 161 13.10 -9.64 -56.10
N THR C 162 12.75 -10.74 -55.45
CA THR C 162 12.48 -11.99 -56.14
C THR C 162 11.01 -12.38 -56.00
N GLN C 163 10.53 -13.13 -56.99
CA GLN C 163 9.22 -13.77 -56.95
C GLN C 163 8.09 -12.75 -56.83
N LYS C 164 8.05 -11.86 -57.82
CA LYS C 164 6.96 -10.89 -57.92
C LYS C 164 5.63 -11.61 -58.13
N VAL C 165 4.59 -11.12 -57.48
CA VAL C 165 3.23 -11.62 -57.65
C VAL C 165 2.42 -10.51 -58.33
N THR C 166 1.82 -10.84 -59.47
CA THR C 166 1.09 -9.87 -60.28
C THR C 166 -0.40 -10.20 -60.25
N TYR C 167 -1.21 -9.24 -59.83
CA TYR C 167 -2.66 -9.38 -59.76
C TYR C 167 -3.28 -8.52 -60.86
N LEU C 168 -3.81 -9.15 -61.90
CA LEU C 168 -4.50 -8.42 -62.95
C LEU C 168 -5.77 -7.80 -62.38
N VAL C 169 -5.82 -6.46 -62.33
CA VAL C 169 -7.01 -5.79 -61.86
C VAL C 169 -8.10 -5.80 -62.92
N HIS C 170 -7.76 -5.36 -64.14
CA HIS C 170 -8.75 -5.37 -65.21
C HIS C 170 -8.09 -5.07 -66.55
N ASN C 171 -8.60 -5.70 -67.60
CA ASN C 171 -8.16 -5.44 -68.97
C ASN C 171 -9.24 -4.61 -69.67
N PHE C 172 -8.96 -3.34 -69.90
CA PHE C 172 -9.86 -2.46 -70.62
C PHE C 172 -9.74 -2.75 -72.11
N GLU C 173 -10.86 -3.10 -72.75
CA GLU C 173 -10.90 -3.33 -74.19
C GLU C 173 -12.10 -2.65 -74.83
N GLU C 174 -12.64 -1.62 -74.20
CA GLU C 174 -13.76 -0.84 -74.69
C GLU C 174 -13.47 0.65 -74.70
N GLY C 175 -12.77 1.15 -73.69
CA GLY C 175 -12.47 2.56 -73.58
C GLY C 175 -11.69 2.83 -72.30
N GLY C 176 -12.09 3.87 -71.56
CA GLY C 176 -11.42 4.25 -70.35
C GLY C 176 -12.23 3.99 -69.10
N GLY C 177 -11.84 4.65 -68.02
CA GLY C 177 -12.49 4.49 -66.74
C GLY C 177 -11.61 4.99 -65.61
N VAL C 178 -11.65 4.34 -64.45
CA VAL C 178 -10.81 4.70 -63.32
C VAL C 178 -10.24 3.45 -62.69
N ALA C 179 -9.11 3.62 -62.00
CA ALA C 179 -8.53 2.52 -61.25
C ALA C 179 -7.80 3.12 -60.05
N MET C 180 -7.54 2.27 -59.05
CA MET C 180 -6.87 2.75 -57.86
C MET C 180 -6.28 1.58 -57.09
N GLY C 181 -5.24 1.88 -56.33
CA GLY C 181 -4.66 0.95 -55.39
C GLY C 181 -4.64 1.57 -54.00
N MET C 182 -4.80 0.74 -52.98
CA MET C 182 -4.72 1.20 -51.61
C MET C 182 -4.14 0.08 -50.75
N TYR C 183 -3.89 0.41 -49.48
CA TYR C 183 -3.16 -0.49 -48.61
C TYR C 183 -3.48 -0.16 -47.16
N ASN C 184 -3.06 -1.06 -46.27
CA ASN C 184 -3.06 -0.79 -44.84
C ASN C 184 -2.01 -1.66 -44.18
N GLN C 185 -1.56 -1.23 -43.01
CA GLN C 185 -0.41 -1.80 -42.34
C GLN C 185 -0.85 -2.54 -41.07
N ASP C 186 -0.16 -3.65 -40.78
CA ASP C 186 -0.55 -4.49 -39.65
C ASP C 186 -0.40 -3.75 -38.33
N LYS C 187 0.70 -3.00 -38.15
CA LYS C 187 0.91 -2.31 -36.89
C LYS C 187 -0.15 -1.26 -36.63
N SER C 188 -0.58 -0.54 -37.68
CA SER C 188 -1.63 0.44 -37.52
C SER C 188 -2.94 -0.22 -37.09
N ILE C 189 -3.26 -1.37 -37.68
CA ILE C 189 -4.48 -2.08 -37.31
C ILE C 189 -4.40 -2.60 -35.88
N GLU C 190 -3.22 -3.07 -35.47
CA GLU C 190 -3.05 -3.57 -34.11
C GLU C 190 -3.20 -2.44 -33.09
N ASP C 191 -2.64 -1.28 -33.39
CA ASP C 191 -2.81 -0.12 -32.52
C ASP C 191 -4.28 0.30 -32.45
N PHE C 192 -4.96 0.31 -33.60
CA PHE C 192 -6.39 0.58 -33.65
C PHE C 192 -7.16 -0.37 -32.74
N ALA C 193 -6.84 -1.66 -32.82
CA ALA C 193 -7.54 -2.66 -32.02
C ALA C 193 -7.28 -2.46 -30.53
N HIS C 194 -6.02 -2.26 -30.14
CA HIS C 194 -5.70 -2.05 -28.74
C HIS C 194 -6.42 -0.82 -28.19
N SER C 195 -6.41 0.28 -28.95
CA SER C 195 -7.11 1.49 -28.50
C SER C 195 -8.59 1.24 -28.34
N SER C 196 -9.21 0.53 -29.29
CA SER C 196 -10.64 0.27 -29.20
C SER C 196 -10.97 -0.59 -27.97
N PHE C 197 -10.17 -1.64 -27.74
CA PHE C 197 -10.41 -2.51 -26.59
C PHE C 197 -10.27 -1.74 -25.29
N GLN C 198 -9.24 -0.91 -25.16
CA GLN C 198 -9.03 -0.17 -23.92
C GLN C 198 -10.11 0.88 -23.70
N MET C 199 -10.58 1.52 -24.77
CA MET C 199 -11.68 2.46 -24.64
C MET C 199 -12.95 1.74 -24.18
N ALA C 200 -13.24 0.58 -24.77
CA ALA C 200 -14.41 -0.18 -24.34
C ALA C 200 -14.29 -0.59 -22.88
N LEU C 201 -13.10 -0.98 -22.44
CA LEU C 201 -12.92 -1.40 -21.05
C LEU C 201 -13.08 -0.23 -20.09
N SER C 202 -12.52 0.94 -20.43
CA SER C 202 -12.63 2.09 -19.54
C SER C 202 -14.03 2.68 -19.53
N LYS C 203 -14.83 2.46 -20.58
CA LYS C 203 -16.20 2.95 -20.59
C LYS C 203 -17.20 1.94 -20.03
N GLY C 204 -16.90 0.65 -20.12
CA GLY C 204 -17.83 -0.36 -19.66
C GLY C 204 -18.91 -0.72 -20.66
N TRP C 205 -18.65 -0.54 -21.95
CA TRP C 205 -19.61 -0.81 -22.99
C TRP C 205 -19.06 -1.82 -23.99
N PRO C 206 -19.92 -2.59 -24.65
CA PRO C 206 -19.44 -3.55 -25.65
C PRO C 206 -18.75 -2.85 -26.82
N LEU C 207 -18.02 -3.65 -27.59
CA LEU C 207 -17.28 -3.17 -28.74
C LEU C 207 -17.68 -3.96 -29.98
N TYR C 208 -17.80 -3.26 -31.11
CA TYR C 208 -18.11 -3.89 -32.38
C TYR C 208 -17.15 -3.36 -33.44
N LEU C 209 -16.66 -4.27 -34.28
CA LEU C 209 -15.83 -3.92 -35.42
C LEU C 209 -16.59 -4.23 -36.70
N SER C 210 -16.88 -3.20 -37.49
CA SER C 210 -17.59 -3.36 -38.74
C SER C 210 -16.60 -3.49 -39.89
N THR C 211 -16.73 -4.57 -40.66
CA THR C 211 -15.97 -4.73 -41.89
C THR C 211 -16.89 -5.22 -42.99
N LYS C 212 -16.31 -5.44 -44.17
CA LYS C 212 -17.00 -6.01 -45.33
C LYS C 212 -16.22 -7.22 -45.85
N ASN C 213 -15.88 -8.12 -44.93
CA ASN C 213 -15.03 -9.26 -45.29
C ASN C 213 -15.78 -10.32 -46.10
N THR C 214 -17.09 -10.17 -46.28
CA THR C 214 -17.80 -11.03 -47.21
C THR C 214 -17.43 -10.71 -48.66
N ILE C 215 -16.96 -9.50 -48.92
CA ILE C 215 -16.54 -9.09 -50.25
C ILE C 215 -15.02 -8.97 -50.34
N LEU C 216 -14.40 -8.31 -49.36
CA LEU C 216 -12.95 -8.18 -49.28
C LEU C 216 -12.46 -9.22 -48.29
N LYS C 217 -12.39 -10.48 -48.76
CA LYS C 217 -12.14 -11.60 -47.87
C LYS C 217 -10.76 -11.49 -47.22
N LYS C 218 -9.78 -10.98 -47.96
CA LYS C 218 -8.42 -10.88 -47.46
C LYS C 218 -8.10 -9.51 -46.88
N TYR C 219 -8.60 -8.44 -47.50
CA TYR C 219 -8.31 -7.09 -47.02
C TYR C 219 -8.98 -6.85 -45.66
N ASP C 220 -10.30 -7.01 -45.59
CA ASP C 220 -11.02 -6.85 -44.33
C ASP C 220 -10.88 -8.06 -43.42
N GLY C 221 -10.63 -9.23 -43.99
CA GLY C 221 -10.32 -10.39 -43.17
C GLY C 221 -9.13 -10.17 -42.27
N ARG C 222 -8.17 -9.36 -42.73
CA ARG C 222 -7.02 -9.04 -41.88
C ARG C 222 -7.44 -8.25 -40.65
N PHE C 223 -8.29 -7.23 -40.84
CA PHE C 223 -8.84 -6.49 -39.71
C PHE C 223 -9.55 -7.43 -38.75
N LYS C 224 -10.44 -8.27 -39.28
CA LYS C 224 -11.20 -9.20 -38.44
C LYS C 224 -10.27 -10.11 -37.64
N ASP C 225 -9.30 -10.72 -38.31
CA ASP C 225 -8.39 -11.65 -37.66
C ASP C 225 -7.53 -10.97 -36.60
N ILE C 226 -7.01 -9.78 -36.91
CA ILE C 226 -6.14 -9.09 -35.96
C ILE C 226 -6.92 -8.71 -34.71
N PHE C 227 -8.11 -8.12 -34.90
CA PHE C 227 -8.95 -7.80 -33.75
C PHE C 227 -9.25 -9.05 -32.92
N GLN C 228 -9.59 -10.16 -33.59
CA GLN C 228 -9.94 -11.38 -32.87
C GLN C 228 -8.76 -11.93 -32.09
N GLU C 229 -7.57 -11.95 -32.70
CA GLU C 229 -6.39 -12.46 -32.02
C GLU C 229 -6.06 -11.63 -30.79
N ILE C 230 -5.99 -10.30 -30.97
CA ILE C 230 -5.65 -9.43 -29.85
C ILE C 230 -6.68 -9.56 -28.74
N TYR C 231 -7.97 -9.69 -29.11
CA TYR C 231 -9.02 -9.82 -28.11
C TYR C 231 -8.87 -11.12 -27.32
N ASP C 232 -8.76 -12.25 -28.02
CA ASP C 232 -8.63 -13.53 -27.34
C ASP C 232 -7.38 -13.58 -26.46
N LYS C 233 -6.30 -12.95 -26.90
CA LYS C 233 -5.04 -13.07 -26.16
C LYS C 233 -4.97 -12.13 -24.97
N GLN C 234 -5.46 -10.89 -25.09
CA GLN C 234 -5.12 -9.87 -24.11
C GLN C 234 -6.30 -9.16 -23.47
N TYR C 235 -7.54 -9.35 -23.93
CA TYR C 235 -8.65 -8.58 -23.37
C TYR C 235 -9.91 -9.37 -23.10
N LYS C 236 -10.02 -10.64 -23.53
CA LYS C 236 -11.29 -11.34 -23.51
C LYS C 236 -11.84 -11.49 -22.08
N SER C 237 -11.01 -12.01 -21.18
CA SER C 237 -11.49 -12.33 -19.83
C SER C 237 -11.78 -11.06 -19.03
N GLN C 238 -11.09 -9.96 -19.32
CA GLN C 238 -11.44 -8.69 -18.67
C GLN C 238 -12.83 -8.24 -19.10
N PHE C 239 -13.08 -8.26 -20.41
CA PHE C 239 -14.43 -8.00 -20.93
C PHE C 239 -15.47 -8.86 -20.22
N GLU C 240 -15.20 -10.16 -20.12
CA GLU C 240 -16.16 -11.06 -19.47
C GLU C 240 -16.32 -10.73 -17.98
N ALA C 241 -15.27 -10.22 -17.35
CA ALA C 241 -15.38 -9.80 -15.96
C ALA C 241 -16.29 -8.59 -15.82
N GLN C 242 -16.25 -7.67 -16.79
CA GLN C 242 -17.14 -6.52 -16.78
C GLN C 242 -18.45 -6.78 -17.51
N LYS C 243 -18.74 -8.05 -17.84
CA LYS C 243 -19.98 -8.43 -18.51
C LYS C 243 -20.21 -7.65 -19.79
N ILE C 244 -19.12 -7.36 -20.51
CA ILE C 244 -19.20 -6.78 -21.84
C ILE C 244 -18.59 -7.76 -22.83
N TRP C 245 -18.51 -7.37 -24.10
CA TRP C 245 -18.10 -8.30 -25.14
C TRP C 245 -17.64 -7.51 -26.36
N TYR C 246 -16.80 -8.16 -27.17
CA TYR C 246 -16.42 -7.64 -28.47
C TYR C 246 -16.96 -8.57 -29.56
N GLU C 247 -17.50 -7.97 -30.62
CA GLU C 247 -18.00 -8.76 -31.74
C GLU C 247 -17.71 -8.04 -33.06
N HIS C 248 -17.59 -8.84 -34.12
CA HIS C 248 -17.42 -8.33 -35.47
C HIS C 248 -18.77 -8.36 -36.20
N ARG C 249 -19.02 -7.33 -37.00
CA ARG C 249 -20.25 -7.17 -37.73
C ARG C 249 -19.95 -6.73 -39.16
N LEU C 250 -20.82 -7.14 -40.08
CA LEU C 250 -20.85 -6.52 -41.38
C LEU C 250 -21.33 -5.08 -41.26
N ILE C 251 -20.78 -4.22 -42.10
CA ILE C 251 -21.12 -2.80 -42.02
C ILE C 251 -22.60 -2.58 -42.30
N ASP C 252 -23.20 -3.41 -43.17
CA ASP C 252 -24.64 -3.39 -43.38
C ASP C 252 -25.37 -3.64 -42.08
N ASP C 253 -25.15 -4.82 -41.49
CA ASP C 253 -25.77 -5.17 -40.22
C ASP C 253 -25.40 -4.17 -39.14
N MET C 254 -24.22 -3.56 -39.22
CA MET C 254 -23.79 -2.66 -38.16
C MET C 254 -24.57 -1.36 -38.20
N VAL C 255 -24.74 -0.76 -39.38
CA VAL C 255 -25.57 0.44 -39.45
C VAL C 255 -27.02 0.11 -39.12
N ALA C 256 -27.50 -1.06 -39.57
CA ALA C 256 -28.87 -1.45 -39.25
C ALA C 256 -29.08 -1.55 -37.75
N GLN C 257 -28.20 -2.27 -37.06
CA GLN C 257 -28.30 -2.42 -35.61
C GLN C 257 -28.14 -1.08 -34.91
N ALA C 258 -27.15 -0.28 -35.32
CA ALA C 258 -26.88 0.98 -34.66
C ALA C 258 -28.04 1.95 -34.80
N MET C 259 -28.86 1.80 -35.84
CA MET C 259 -30.00 2.70 -35.99
C MET C 259 -31.11 2.35 -34.99
N LYS C 260 -31.60 1.12 -35.04
CA LYS C 260 -32.72 0.71 -34.17
C LYS C 260 -32.26 0.17 -32.82
N SER C 261 -31.18 0.71 -32.27
CA SER C 261 -30.72 0.37 -30.92
C SER C 261 -30.84 1.58 -30.00
N GLU C 262 -30.59 1.33 -28.72
CA GLU C 262 -30.61 2.39 -27.71
C GLU C 262 -29.22 2.97 -27.47
N GLY C 263 -28.22 2.57 -28.25
CA GLY C 263 -26.87 3.05 -28.06
C GLY C 263 -26.17 2.34 -26.91
N GLY C 264 -25.04 2.92 -26.51
CA GLY C 264 -24.28 2.38 -25.41
C GLY C 264 -23.28 1.31 -25.83
N PHE C 265 -22.50 1.60 -26.86
CA PHE C 265 -21.47 0.66 -27.31
C PHE C 265 -20.41 1.44 -28.05
N ILE C 266 -19.23 0.83 -28.16
CA ILE C 266 -18.11 1.39 -28.90
C ILE C 266 -18.12 0.79 -30.30
N TRP C 267 -17.96 1.64 -31.31
CA TRP C 267 -18.03 1.23 -32.71
C TRP C 267 -16.68 1.52 -33.36
N ALA C 268 -15.89 0.48 -33.57
CA ALA C 268 -14.63 0.60 -34.29
C ALA C 268 -14.91 0.58 -35.79
N CYS C 269 -14.57 1.67 -36.46
CA CYS C 269 -14.84 1.82 -37.88
C CYS C 269 -13.52 1.93 -38.65
N LYS C 270 -13.51 1.37 -39.86
CA LYS C 270 -12.43 1.65 -40.78
C LYS C 270 -12.47 3.14 -41.17
N ASN C 271 -11.44 3.56 -41.91
CA ASN C 271 -11.25 4.98 -42.18
C ASN C 271 -12.47 5.59 -42.85
N TYR C 272 -12.89 5.02 -43.98
CA TYR C 272 -14.00 5.58 -44.74
C TYR C 272 -15.30 5.54 -43.93
N ASP C 273 -15.57 4.41 -43.28
CA ASP C 273 -16.83 4.26 -42.55
C ASP C 273 -16.92 5.27 -41.41
N GLY C 274 -15.83 5.41 -40.63
CA GLY C 274 -15.86 6.36 -39.53
C GLY C 274 -15.93 7.80 -39.99
N ASP C 275 -15.18 8.14 -41.04
CA ASP C 275 -15.24 9.50 -41.58
C ASP C 275 -16.61 9.82 -42.13
N VAL C 276 -17.34 8.81 -42.63
CA VAL C 276 -18.70 9.02 -43.10
C VAL C 276 -19.65 9.17 -41.93
N GLN C 277 -19.48 8.35 -40.89
N GLN C 277 -19.48 8.35 -40.89
CA GLN C 277 -20.39 8.39 -39.75
CA GLN C 277 -20.39 8.39 -39.75
C GLN C 277 -20.29 9.72 -39.02
C GLN C 277 -20.29 9.72 -39.02
N SER C 278 -19.07 10.16 -38.70
CA SER C 278 -18.79 11.35 -37.89
C SER C 278 -19.79 12.50 -38.00
N ASP C 279 -19.97 13.05 -39.21
CA ASP C 279 -20.83 14.23 -39.36
C ASP C 279 -22.29 13.90 -39.05
N SER C 280 -22.80 12.81 -39.63
CA SER C 280 -24.21 12.47 -39.44
C SER C 280 -24.51 12.08 -38.00
N VAL C 281 -23.56 11.47 -37.30
CA VAL C 281 -23.78 11.13 -35.90
C VAL C 281 -23.66 12.38 -35.03
N ALA C 282 -22.79 13.33 -35.39
CA ALA C 282 -22.75 14.59 -34.69
C ALA C 282 -24.04 15.38 -34.87
N GLN C 283 -24.71 15.21 -36.01
CA GLN C 283 -25.98 15.87 -36.25
C GLN C 283 -27.17 15.08 -35.72
N GLY C 284 -27.00 13.78 -35.45
CA GLY C 284 -28.11 12.94 -35.03
C GLY C 284 -28.44 13.05 -33.56
N TYR C 285 -27.46 13.38 -32.73
CA TYR C 285 -27.71 13.63 -31.31
C TYR C 285 -28.10 15.07 -31.02
N GLY C 286 -28.00 15.96 -32.01
CA GLY C 286 -28.42 17.33 -31.83
C GLY C 286 -27.36 18.35 -32.22
N SER C 287 -26.79 19.03 -31.23
CA SER C 287 -25.87 20.13 -31.50
C SER C 287 -24.46 19.61 -31.72
N LEU C 288 -23.74 20.24 -32.65
CA LEU C 288 -22.35 19.90 -32.88
C LEU C 288 -21.47 20.28 -31.70
N GLY C 289 -21.93 21.16 -30.82
CA GLY C 289 -21.22 21.54 -29.62
C GLY C 289 -21.36 20.59 -28.46
N MET C 290 -22.08 19.48 -28.64
CA MET C 290 -22.24 18.46 -27.62
C MET C 290 -21.38 17.23 -27.89
N MET C 291 -20.40 17.35 -28.77
CA MET C 291 -19.57 16.24 -29.21
C MET C 291 -18.13 16.48 -28.79
N THR C 292 -17.49 15.45 -28.22
CA THR C 292 -16.10 15.53 -27.82
C THR C 292 -15.30 14.43 -28.49
N SER C 293 -14.04 14.72 -28.80
CA SER C 293 -13.13 13.75 -29.39
C SER C 293 -12.01 13.47 -28.40
N VAL C 294 -11.65 12.19 -28.29
CA VAL C 294 -10.62 11.74 -27.36
C VAL C 294 -9.65 10.86 -28.13
N LEU C 295 -8.39 11.28 -28.20
CA LEU C 295 -7.32 10.47 -28.76
C LEU C 295 -6.77 9.56 -27.67
N VAL C 296 -6.76 8.25 -27.96
CA VAL C 296 -6.31 7.24 -27.00
C VAL C 296 -5.21 6.42 -27.66
N CYS C 297 -4.07 6.33 -27.02
CA CYS C 297 -2.95 5.55 -27.50
C CYS C 297 -3.10 4.09 -27.09
N PRO C 298 -2.43 3.17 -27.80
CA PRO C 298 -2.58 1.74 -27.46
C PRO C 298 -2.02 1.37 -26.11
N ASP C 299 -1.09 2.14 -25.56
CA ASP C 299 -0.47 1.80 -24.29
C ASP C 299 -1.42 1.97 -23.11
N GLY C 300 -2.48 2.75 -23.27
CA GLY C 300 -3.40 3.02 -22.17
C GLY C 300 -2.94 4.10 -21.21
N LYS C 301 -1.81 4.75 -21.48
CA LYS C 301 -1.29 5.81 -20.63
C LYS C 301 -1.63 7.20 -21.15
N THR C 302 -1.32 7.48 -22.41
CA THR C 302 -1.50 8.81 -22.98
C THR C 302 -2.92 9.00 -23.49
N VAL C 303 -3.51 10.14 -23.17
CA VAL C 303 -4.86 10.51 -23.60
C VAL C 303 -4.85 11.99 -23.96
N GLU C 304 -5.42 12.35 -25.11
CA GLU C 304 -5.47 13.73 -25.58
C GLU C 304 -6.91 14.07 -25.90
N ALA C 305 -7.57 14.80 -25.01
CA ALA C 305 -8.98 15.13 -25.18
C ALA C 305 -9.14 16.53 -25.77
N GLU C 306 -10.19 16.70 -26.56
CA GLU C 306 -10.51 18.00 -27.14
C GLU C 306 -11.96 18.01 -27.58
N ALA C 307 -12.43 19.20 -27.96
CA ALA C 307 -13.79 19.34 -28.47
C ALA C 307 -13.84 19.02 -29.95
N ALA C 308 -15.00 18.52 -30.40
CA ALA C 308 -15.15 18.17 -31.81
C ALA C 308 -15.34 19.40 -32.68
N HIS C 309 -16.11 20.38 -32.20
CA HIS C 309 -16.34 21.59 -32.96
C HIS C 309 -15.05 22.42 -33.06
N GLY C 310 -15.06 23.38 -33.98
CA GLY C 310 -13.91 24.20 -34.28
C GLY C 310 -13.91 25.52 -33.53
N THR C 311 -13.27 26.52 -34.14
CA THR C 311 -13.14 27.84 -33.52
C THR C 311 -14.35 28.73 -33.77
N VAL C 312 -15.25 28.33 -34.66
CA VAL C 312 -16.48 29.07 -34.99
C VAL C 312 -16.15 30.48 -35.46
N THR C 313 -16.10 30.66 -36.78
CA THR C 313 -15.77 31.97 -37.33
C THR C 313 -16.95 32.93 -37.22
N ARG C 314 -18.18 32.44 -37.39
CA ARG C 314 -19.34 33.31 -37.31
C ARG C 314 -19.53 33.86 -35.90
N HIS C 315 -19.42 33.00 -34.89
CA HIS C 315 -19.55 33.47 -33.51
C HIS C 315 -18.40 34.37 -33.10
N TYR C 316 -17.25 34.27 -33.75
CA TYR C 316 -16.10 35.10 -33.41
C TYR C 316 -16.10 36.45 -34.11
N ARG C 317 -16.70 36.53 -35.30
CA ARG C 317 -16.78 37.81 -36.00
C ARG C 317 -17.68 38.80 -35.27
N MET C 318 -18.77 38.30 -34.69
CA MET C 318 -19.69 39.18 -33.98
C MET C 318 -19.16 39.57 -32.60
N TYR C 319 -18.37 38.72 -31.97
CA TYR C 319 -17.75 39.07 -30.70
C TYR C 319 -16.57 40.02 -30.89
N GLN C 320 -15.81 39.83 -31.97
CA GLN C 320 -14.71 40.74 -32.26
C GLN C 320 -15.22 42.14 -32.60
N LYS C 321 -16.51 42.27 -32.93
CA LYS C 321 -17.16 43.55 -33.13
C LYS C 321 -17.95 44.00 -31.89
N GLY C 322 -17.68 43.39 -30.74
CA GLY C 322 -18.29 43.82 -29.50
C GLY C 322 -19.79 43.68 -29.46
N GLN C 323 -20.31 42.47 -29.67
CA GLN C 323 -21.75 42.24 -29.56
C GLN C 323 -22.07 41.08 -28.63
N GLU C 324 -23.31 40.59 -28.69
CA GLU C 324 -23.76 39.48 -27.85
C GLU C 324 -23.92 38.22 -28.69
N THR C 325 -23.40 37.11 -28.18
CA THR C 325 -23.54 35.81 -28.81
C THR C 325 -23.91 34.78 -27.75
N SER C 326 -24.26 33.57 -28.22
CA SER C 326 -24.64 32.47 -27.33
C SER C 326 -23.97 31.21 -27.87
N THR C 327 -22.72 31.00 -27.47
CA THR C 327 -21.94 29.83 -27.88
C THR C 327 -22.05 28.74 -26.83
N ASN C 328 -22.13 27.49 -27.29
CA ASN C 328 -22.29 26.35 -26.40
C ASN C 328 -20.92 25.87 -25.94
N PRO C 329 -20.59 25.97 -24.65
CA PRO C 329 -19.27 25.56 -24.17
C PRO C 329 -19.19 24.15 -23.57
N ILE C 330 -20.20 23.30 -23.79
CA ILE C 330 -20.26 22.02 -23.09
C ILE C 330 -19.08 21.13 -23.48
N ALA C 331 -18.79 21.05 -24.79
CA ALA C 331 -17.71 20.18 -25.24
C ALA C 331 -16.35 20.70 -24.78
N SER C 332 -16.17 22.01 -24.76
CA SER C 332 -14.90 22.58 -24.30
C SER C 332 -14.67 22.27 -22.82
N ILE C 333 -15.75 22.22 -22.02
CA ILE C 333 -15.62 21.82 -20.63
C ILE C 333 -15.36 20.33 -20.52
N PHE C 334 -16.01 19.54 -21.38
CA PHE C 334 -15.87 18.09 -21.29
C PHE C 334 -14.47 17.64 -21.69
N ALA C 335 -13.78 18.40 -22.53
CA ALA C 335 -12.36 18.14 -22.77
C ALA C 335 -11.58 18.16 -21.45
N TRP C 336 -11.76 19.23 -20.68
CA TRP C 336 -11.11 19.33 -19.37
C TRP C 336 -11.55 18.20 -18.45
N THR C 337 -12.85 17.88 -18.46
CA THR C 337 -13.34 16.85 -17.54
C THR C 337 -12.75 15.49 -17.87
N ARG C 338 -12.60 15.18 -19.16
CA ARG C 338 -11.98 13.91 -19.54
C ARG C 338 -10.50 13.89 -19.20
N GLY C 339 -9.79 15.00 -19.46
CA GLY C 339 -8.40 15.07 -19.04
C GLY C 339 -8.25 14.85 -17.56
N LEU C 340 -9.11 15.47 -16.75
CA LEU C 340 -9.01 15.37 -15.31
C LEU C 340 -9.42 13.99 -14.82
N ALA C 341 -10.40 13.37 -15.49
CA ALA C 341 -10.82 12.02 -15.11
C ALA C 341 -9.72 11.01 -15.39
N HIS C 342 -9.06 11.12 -16.54
CA HIS C 342 -7.93 10.23 -16.81
C HIS C 342 -6.75 10.51 -15.89
N ARG C 343 -6.56 11.79 -15.52
CA ARG C 343 -5.51 12.12 -14.55
C ARG C 343 -5.80 11.49 -13.19
N ALA C 344 -7.06 11.53 -12.76
CA ALA C 344 -7.45 10.89 -11.51
C ALA C 344 -7.49 9.38 -11.63
N LYS C 345 -7.49 8.85 -12.85
CA LYS C 345 -7.35 7.41 -13.05
C LYS C 345 -5.89 6.96 -12.91
N LEU C 346 -4.99 7.61 -13.65
CA LEU C 346 -3.57 7.26 -13.56
C LEU C 346 -3.04 7.48 -12.15
N ASP C 347 -3.04 8.73 -11.70
CA ASP C 347 -2.78 9.03 -10.30
C ASP C 347 -4.05 8.78 -9.51
N ASN C 348 -4.02 7.82 -8.59
CA ASN C 348 -5.21 7.49 -7.82
C ASN C 348 -5.68 8.68 -7.01
N ASN C 349 -6.29 9.66 -7.68
CA ASN C 349 -6.78 10.88 -7.05
C ASN C 349 -8.25 10.66 -6.67
N LYS C 350 -8.51 10.57 -5.38
CA LYS C 350 -9.85 10.20 -4.92
C LYS C 350 -10.89 11.27 -5.21
N GLU C 351 -10.49 12.55 -5.17
CA GLU C 351 -11.45 13.64 -5.31
C GLU C 351 -11.48 14.26 -6.69
N LEU C 352 -10.43 14.10 -7.50
CA LEU C 352 -10.42 14.71 -8.82
C LEU C 352 -11.42 14.03 -9.75
N ALA C 353 -11.56 12.71 -9.64
CA ALA C 353 -12.60 12.02 -10.40
C ALA C 353 -13.98 12.49 -9.94
N PHE C 354 -14.15 12.73 -8.64
CA PHE C 354 -15.40 13.29 -8.16
C PHE C 354 -15.63 14.69 -8.73
N PHE C 355 -14.57 15.49 -8.84
CA PHE C 355 -14.71 16.82 -9.42
C PHE C 355 -15.14 16.74 -10.88
N ALA C 356 -14.53 15.84 -11.65
CA ALA C 356 -14.90 15.69 -13.05
C ALA C 356 -16.34 15.23 -13.21
N ASN C 357 -16.72 14.18 -12.47
CA ASN C 357 -18.08 13.66 -12.56
C ASN C 357 -19.10 14.71 -12.12
N ALA C 358 -18.79 15.46 -11.06
CA ALA C 358 -19.71 16.48 -10.57
C ALA C 358 -19.84 17.64 -11.54
N LEU C 359 -18.72 18.04 -12.16
CA LEU C 359 -18.79 19.12 -13.15
C LEU C 359 -19.62 18.69 -14.35
N GLU C 360 -19.46 17.45 -14.80
CA GLU C 360 -20.28 16.94 -15.90
C GLU C 360 -21.76 16.90 -15.51
N GLU C 361 -22.06 16.41 -14.31
CA GLU C 361 -23.44 16.34 -13.87
C GLU C 361 -24.05 17.73 -13.73
N VAL C 362 -23.26 18.71 -13.29
CA VAL C 362 -23.74 20.09 -13.22
C VAL C 362 -24.06 20.61 -14.60
N SER C 363 -23.13 20.41 -15.54
CA SER C 363 -23.35 20.87 -16.92
C SER C 363 -24.58 20.22 -17.53
N ILE C 364 -24.90 18.99 -17.15
CA ILE C 364 -26.06 18.31 -17.72
C ILE C 364 -27.35 18.79 -17.06
N GLU C 365 -27.37 18.83 -15.72
CA GLU C 365 -28.58 19.22 -15.00
C GLU C 365 -28.94 20.67 -15.26
N THR C 366 -27.95 21.54 -15.51
CA THR C 366 -28.24 22.92 -15.85
C THR C 366 -29.13 23.01 -17.09
N ILE C 367 -28.81 22.22 -18.13
CA ILE C 367 -29.62 22.21 -19.33
C ILE C 367 -30.91 21.42 -19.10
N GLU C 368 -30.88 20.42 -18.23
CA GLU C 368 -32.08 19.64 -17.93
C GLU C 368 -33.12 20.44 -17.15
N ALA C 369 -32.71 21.54 -16.51
CA ALA C 369 -33.65 22.44 -15.86
C ALA C 369 -34.22 23.48 -16.80
N GLY C 370 -33.74 23.55 -18.04
CA GLY C 370 -34.20 24.51 -19.02
C GLY C 370 -33.19 25.59 -19.38
N PHE C 371 -32.18 25.80 -18.54
CA PHE C 371 -31.17 26.83 -18.77
C PHE C 371 -30.19 26.31 -19.81
N MET C 372 -30.47 26.64 -21.08
CA MET C 372 -29.64 26.17 -22.19
C MET C 372 -29.13 27.34 -23.02
N THR C 373 -28.67 27.06 -24.23
CA THR C 373 -28.12 28.08 -25.12
C THR C 373 -28.87 28.07 -26.46
N LYS C 374 -28.28 28.75 -27.44
CA LYS C 374 -28.96 28.97 -28.72
C LYS C 374 -29.21 27.67 -29.46
N ASP C 375 -28.18 26.84 -29.63
CA ASP C 375 -28.31 25.61 -30.39
C ASP C 375 -29.23 24.62 -29.68
N LEU C 376 -29.03 24.43 -28.37
CA LEU C 376 -29.86 23.51 -27.60
C LEU C 376 -31.32 23.90 -27.68
N ALA C 377 -31.62 25.20 -27.64
CA ALA C 377 -32.99 25.66 -27.86
C ALA C 377 -33.44 25.43 -29.30
N ALA C 378 -32.51 25.55 -30.26
CA ALA C 378 -32.84 25.31 -31.66
C ALA C 378 -33.20 23.85 -31.92
N CYS C 379 -32.80 22.95 -31.04
CA CYS C 379 -33.17 21.54 -31.18
C CYS C 379 -34.53 21.21 -30.57
N ILE C 380 -35.33 22.22 -30.20
CA ILE C 380 -36.61 21.96 -29.57
C ILE C 380 -37.74 22.65 -30.34
N LYS C 381 -37.75 23.98 -30.32
CA LYS C 381 -38.87 24.72 -30.90
C LYS C 381 -38.75 24.87 -32.41
N GLY C 382 -37.53 25.03 -32.91
CA GLY C 382 -37.30 25.30 -34.32
C GLY C 382 -36.40 26.50 -34.50
N LEU C 383 -35.46 26.40 -35.45
CA LEU C 383 -34.42 27.43 -35.60
C LEU C 383 -34.96 28.84 -35.71
N PRO C 384 -35.96 29.15 -36.57
CA PRO C 384 -36.52 30.51 -36.55
C PRO C 384 -37.48 30.75 -35.41
N ASN C 385 -38.10 29.70 -34.85
CA ASN C 385 -39.04 29.84 -33.76
C ASN C 385 -38.38 30.13 -32.42
N VAL C 386 -37.06 30.21 -32.37
CA VAL C 386 -36.35 30.48 -31.13
C VAL C 386 -36.38 31.97 -30.85
N GLN C 387 -36.65 32.33 -29.59
CA GLN C 387 -36.68 33.71 -29.16
C GLN C 387 -35.63 33.94 -28.08
N ARG C 388 -35.42 35.21 -27.74
CA ARG C 388 -34.26 35.59 -26.93
C ARG C 388 -34.38 35.12 -25.49
N SER C 389 -35.56 35.26 -24.88
CA SER C 389 -35.72 35.02 -23.46
C SER C 389 -35.55 33.55 -23.06
N ASP C 390 -35.40 32.64 -24.02
CA ASP C 390 -35.33 31.22 -23.71
C ASP C 390 -33.92 30.73 -23.42
N TYR C 391 -32.91 31.33 -24.03
CA TYR C 391 -31.54 30.85 -23.91
C TYR C 391 -30.67 31.91 -23.25
N LEU C 392 -29.79 31.47 -22.35
CA LEU C 392 -28.79 32.34 -21.77
C LEU C 392 -27.64 32.53 -22.75
N ASN C 393 -27.11 33.74 -22.81
CA ASN C 393 -26.02 34.04 -23.75
C ASN C 393 -24.73 33.38 -23.24
N THR C 394 -23.61 33.76 -23.86
CA THR C 394 -22.35 33.08 -23.59
C THR C 394 -21.93 33.24 -22.12
N PHE C 395 -22.07 34.45 -21.57
CA PHE C 395 -21.59 34.70 -20.22
C PHE C 395 -22.58 34.23 -19.17
N GLU C 396 -23.88 34.39 -19.42
CA GLU C 396 -24.88 34.01 -18.44
C GLU C 396 -24.91 32.50 -18.20
N PHE C 397 -24.63 31.71 -19.24
CA PHE C 397 -24.57 30.26 -19.07
C PHE C 397 -23.41 29.87 -18.17
N MET C 398 -22.24 30.48 -18.38
CA MET C 398 -21.11 30.22 -17.49
C MET C 398 -21.40 30.71 -16.08
N ASP C 399 -22.16 31.78 -15.94
CA ASP C 399 -22.58 32.24 -14.61
C ASP C 399 -23.41 31.17 -13.91
N LYS C 400 -24.41 30.64 -14.61
CA LYS C 400 -25.25 29.59 -14.04
C LYS C 400 -24.42 28.35 -13.69
N LEU C 401 -23.47 27.99 -14.56
CA LEU C 401 -22.63 26.83 -14.30
C LEU C 401 -21.75 27.05 -13.07
N GLY C 402 -21.17 28.24 -12.94
CA GLY C 402 -20.38 28.53 -11.75
C GLY C 402 -21.21 28.49 -10.48
N GLU C 403 -22.44 29.01 -10.55
CA GLU C 403 -23.34 28.94 -9.40
C GLU C 403 -23.61 27.49 -9.00
N ASN C 404 -23.99 26.66 -9.97
CA ASN C 404 -24.34 25.28 -9.64
C ASN C 404 -23.13 24.46 -9.22
N LEU C 405 -21.94 24.81 -9.72
CA LEU C 405 -20.72 24.14 -9.25
C LEU C 405 -20.40 24.55 -7.82
N LYS C 406 -20.54 25.84 -7.50
CA LYS C 406 -20.39 26.31 -6.13
C LYS C 406 -21.37 25.62 -5.20
N ILE C 407 -22.57 25.31 -5.70
CA ILE C 407 -23.59 24.69 -4.85
C ILE C 407 -23.33 23.20 -4.67
N LYS C 408 -22.96 22.48 -5.74
CA LYS C 408 -22.77 21.05 -5.63
C LYS C 408 -21.57 20.70 -4.75
N LEU C 409 -20.53 21.53 -4.77
CA LEU C 409 -19.42 21.35 -3.85
C LEU C 409 -19.81 21.62 -2.40
N ALA C 410 -20.87 22.41 -2.17
CA ALA C 410 -21.26 22.76 -0.82
C ALA C 410 -21.74 21.55 -0.03
N GLN C 411 -22.37 20.59 -0.69
CA GLN C 411 -22.80 19.37 -0.02
C GLN C 411 -21.59 18.48 0.28
#